data_3HVU
#
_entry.id   3HVU
#
_cell.length_a   52.713
_cell.length_b   93.377
_cell.length_c   94.900
_cell.angle_alpha   90.00
_cell.angle_beta   90.03
_cell.angle_gamma   90.00
#
_symmetry.space_group_name_H-M   'P 1 21 1'
#
loop_
_entity.id
_entity.type
_entity.pdbx_description
1 polymer 'Hypoxanthine phosphoribosyltransferase'
2 non-polymer '2-(N-MORPHOLINO)-ETHANESULFONIC ACID'
3 non-polymer 'SODIUM ION'
4 water water
#
_entity_poly.entity_id   1
_entity_poly.type   'polypeptide(L)'
_entity_poly.pdbx_seq_one_letter_code
;MHHHHHHSSGVDLGTENLYFQSNAMMNQDIEKVLISEEQIQEKVLELGAIIAEDYKNTVPLAIGVLKGAMPFMADLLKRT
DTYLEMDFMAVSSYGHSTVSTGEVKILKDLDTSVEGRDILIVEDIIDSGLTLSYLVDLFKYRKAKSVKIVTLLDKPTGRK
VDLKADYVGFTVPHEFVVGYGLDYKEQYRNLPYVGVLKPSVYSN
;
_entity_poly.pdbx_strand_id   A,B,C,D
#
loop_
_chem_comp.id
_chem_comp.type
_chem_comp.name
_chem_comp.formula
MES non-polymer '2-(N-MORPHOLINO)-ETHANESULFONIC ACID' 'C6 H13 N O4 S'
NA non-polymer 'SODIUM ION' 'Na 1'
#
# COMPACT_ATOMS: atom_id res chain seq x y z
N TYR A 19 -29.34 -3.85 -43.41
CA TYR A 19 -28.91 -3.30 -42.08
C TYR A 19 -27.49 -3.73 -41.73
N PHE A 20 -26.54 -2.83 -41.95
CA PHE A 20 -25.15 -3.11 -41.67
C PHE A 20 -24.82 -2.98 -40.19
N GLN A 21 -24.22 -4.02 -39.64
CA GLN A 21 -23.78 -4.05 -38.25
C GLN A 21 -22.31 -4.41 -38.27
N SER A 22 -21.52 -3.71 -37.48
CA SER A 22 -20.09 -3.95 -37.41
C SER A 22 -19.63 -3.88 -35.97
N ASN A 23 -18.35 -4.20 -35.77
N ASN A 23 -18.37 -4.26 -35.74
CA ASN A 23 -17.73 -4.20 -34.46
CA ASN A 23 -17.82 -4.25 -34.39
C ASN A 23 -17.85 -2.82 -33.82
C ASN A 23 -17.88 -2.85 -33.81
N ALA A 24 -18.09 -2.77 -32.51
CA ALA A 24 -18.20 -1.48 -31.81
C ALA A 24 -16.82 -0.81 -31.72
N MET A 25 -16.80 0.49 -31.99
CA MET A 25 -15.60 1.31 -31.94
C MET A 25 -15.91 2.45 -30.98
N MET A 26 -14.93 2.89 -30.20
CA MET A 26 -15.13 3.97 -29.23
C MET A 26 -15.64 5.26 -29.86
N ASN A 27 -15.15 5.58 -31.05
CA ASN A 27 -15.57 6.80 -31.73
C ASN A 27 -17.11 6.95 -31.85
N GLN A 28 -17.81 5.81 -31.88
CA GLN A 28 -19.28 5.79 -31.99
C GLN A 28 -19.94 6.38 -30.73
N ASP A 29 -19.20 6.40 -29.62
CA ASP A 29 -19.69 6.94 -28.36
C ASP A 29 -19.34 8.40 -28.14
N ILE A 30 -18.58 8.97 -29.08
CA ILE A 30 -18.11 10.35 -28.95
C ILE A 30 -18.95 11.33 -29.77
N GLU A 31 -19.52 12.30 -29.06
CA GLU A 31 -20.34 13.37 -29.61
C GLU A 31 -19.48 14.23 -30.53
N LYS A 32 -18.32 14.63 -30.02
CA LYS A 32 -17.37 15.45 -30.77
C LYS A 32 -16.01 15.45 -30.09
N VAL A 33 -15.00 15.85 -30.85
CA VAL A 33 -13.63 15.94 -30.34
C VAL A 33 -13.47 17.34 -29.78
N LEU A 34 -13.27 17.46 -28.46
CA LEU A 34 -13.10 18.76 -27.83
C LEU A 34 -11.69 19.27 -28.04
N ILE A 35 -10.70 18.40 -27.85
CA ILE A 35 -9.28 18.78 -28.03
C ILE A 35 -8.65 17.67 -28.85
N SER A 36 -8.13 18.01 -30.02
CA SER A 36 -7.55 16.97 -30.88
C SER A 36 -6.17 16.55 -30.43
N GLU A 37 -5.72 15.40 -30.94
CA GLU A 37 -4.39 14.91 -30.63
C GLU A 37 -3.38 15.94 -31.13
N GLU A 38 -3.64 16.52 -32.30
CA GLU A 38 -2.75 17.54 -32.87
C GLU A 38 -2.63 18.74 -31.93
N GLN A 39 -3.76 19.16 -31.34
CA GLN A 39 -3.76 20.27 -30.39
C GLN A 39 -2.98 19.91 -29.16
N ILE A 40 -3.22 18.69 -28.68
CA ILE A 40 -2.55 18.19 -27.50
C ILE A 40 -1.03 18.20 -27.69
N GLN A 41 -0.56 17.60 -28.76
CA GLN A 41 0.89 17.53 -28.98
C GLN A 41 1.51 18.93 -29.14
N GLU A 42 0.80 19.83 -29.83
CA GLU A 42 1.29 21.18 -29.98
C GLU A 42 1.47 21.82 -28.59
N LYS A 43 0.48 21.63 -27.72
CA LYS A 43 0.50 22.19 -26.36
C LYS A 43 1.53 21.52 -25.45
N VAL A 44 1.63 20.20 -25.51
CA VAL A 44 2.61 19.46 -24.71
C VAL A 44 4.01 19.98 -25.05
N LEU A 45 4.26 20.21 -26.33
CA LEU A 45 5.55 20.71 -26.79
C LEU A 45 5.85 22.08 -26.16
N GLU A 46 4.82 22.92 -26.07
CA GLU A 46 4.94 24.24 -25.46
C GLU A 46 5.20 24.18 -23.96
N LEU A 47 4.38 23.41 -23.25
CA LEU A 47 4.51 23.30 -21.79
C LEU A 47 5.85 22.66 -21.41
N GLY A 48 6.23 21.58 -22.08
CA GLY A 48 7.49 20.90 -21.82
C GLY A 48 8.70 21.83 -21.98
N ALA A 49 8.64 22.73 -22.96
CA ALA A 49 9.73 23.69 -23.18
C ALA A 49 9.77 24.69 -22.05
N ILE A 50 8.60 25.13 -21.60
CA ILE A 50 8.52 26.08 -20.50
C ILE A 50 9.00 25.43 -19.23
N ILE A 51 8.58 24.19 -19.00
CA ILE A 51 8.99 23.48 -17.78
C ILE A 51 10.49 23.20 -17.76
N ALA A 52 11.05 22.84 -18.92
CA ALA A 52 12.48 22.56 -19.01
C ALA A 52 13.26 23.80 -18.60
N GLU A 53 12.82 24.96 -19.10
CA GLU A 53 13.47 26.24 -18.77
C GLU A 53 13.34 26.55 -17.27
N ASP A 54 12.15 26.35 -16.72
CA ASP A 54 11.90 26.64 -15.31
C ASP A 54 12.60 25.70 -14.34
N TYR A 55 12.98 24.51 -14.78
CA TYR A 55 13.66 23.55 -13.92
C TYR A 55 15.08 23.24 -14.40
N LYS A 56 15.63 24.16 -15.19
CA LYS A 56 16.99 24.05 -15.72
C LYS A 56 18.10 23.57 -14.80
N ASN A 57 18.15 24.16 -13.62
CA ASN A 57 19.22 23.90 -12.67
C ASN A 57 19.12 22.71 -11.74
N THR A 58 17.90 22.41 -11.31
N THR A 58 17.91 22.42 -11.26
CA THR A 58 17.63 21.33 -10.37
CA THR A 58 17.71 21.31 -10.34
C THR A 58 16.91 20.17 -11.03
C THR A 58 16.86 20.21 -10.95
N VAL A 59 16.99 19.02 -10.40
CA VAL A 59 16.29 17.84 -10.87
C VAL A 59 15.01 17.74 -10.03
N PRO A 60 13.86 18.10 -10.60
CA PRO A 60 12.67 17.99 -9.79
C PRO A 60 12.12 16.58 -9.77
N LEU A 61 11.16 16.37 -8.88
CA LEU A 61 10.46 15.14 -8.76
C LEU A 61 9.10 15.41 -9.42
N ALA A 62 8.86 14.83 -10.60
CA ALA A 62 7.60 14.98 -11.34
C ALA A 62 6.72 13.82 -10.88
N ILE A 63 5.61 14.14 -10.20
N ILE A 63 5.63 14.10 -10.17
CA ILE A 63 4.69 13.14 -9.67
CA ILE A 63 4.75 13.04 -9.67
C ILE A 63 3.36 13.13 -10.41
C ILE A 63 3.35 13.11 -10.29
N GLY A 64 2.80 11.93 -10.60
CA GLY A 64 1.48 11.77 -11.22
C GLY A 64 0.58 10.95 -10.28
N VAL A 65 -0.69 11.34 -10.14
CA VAL A 65 -1.63 10.57 -9.32
C VAL A 65 -2.33 9.63 -10.30
N LEU A 66 -2.24 8.34 -10.04
CA LEU A 66 -2.87 7.34 -10.91
C LEU A 66 -4.40 7.47 -10.84
N LYS A 67 -5.14 7.11 -11.88
CA LYS A 67 -4.65 6.59 -13.13
C LYS A 67 -4.65 7.64 -14.24
N GLY A 68 -5.47 8.68 -14.07
CA GLY A 68 -5.69 9.70 -15.09
C GLY A 68 -4.53 10.47 -15.69
N ALA A 69 -3.53 10.71 -14.88
CA ALA A 69 -2.39 11.51 -15.33
C ALA A 69 -1.39 10.85 -16.29
N MET A 70 -1.44 9.53 -16.35
N MET A 70 -1.39 9.52 -16.37
CA MET A 70 -0.48 8.74 -17.14
CA MET A 70 -0.37 8.84 -17.18
C MET A 70 -0.18 9.13 -18.60
C MET A 70 -0.16 9.32 -18.62
N PRO A 71 -1.21 9.25 -19.47
CA PRO A 71 -0.91 9.62 -20.85
C PRO A 71 -0.33 11.00 -20.98
N PHE A 72 -0.87 11.96 -20.23
CA PHE A 72 -0.35 13.32 -20.30
C PHE A 72 1.07 13.41 -19.73
N MET A 73 1.27 12.79 -18.57
CA MET A 73 2.57 12.85 -17.96
C MET A 73 3.66 12.28 -18.83
N ALA A 74 3.34 11.16 -19.49
CA ALA A 74 4.28 10.49 -20.39
C ALA A 74 4.65 11.39 -21.57
N ASP A 75 3.67 11.97 -22.25
CA ASP A 75 3.95 12.88 -23.38
C ASP A 75 4.68 14.16 -23.00
N LEU A 76 4.24 14.75 -21.89
CA LEU A 76 4.80 15.98 -21.41
C LEU A 76 6.28 15.85 -21.05
N LEU A 77 6.60 14.88 -20.21
CA LEU A 77 7.97 14.67 -19.76
C LEU A 77 8.91 14.31 -20.90
N LYS A 78 8.46 13.57 -21.92
CA LYS A 78 9.41 13.30 -23.00
C LYS A 78 9.65 14.54 -23.83
N ARG A 79 8.84 15.58 -23.63
CA ARG A 79 9.01 16.83 -24.37
C ARG A 79 9.64 17.90 -23.47
N THR A 80 10.08 17.45 -22.28
CA THR A 80 10.74 18.29 -21.28
C THR A 80 12.22 17.87 -21.23
N ASP A 81 13.07 18.61 -21.92
CA ASP A 81 14.50 18.28 -22.02
C ASP A 81 15.34 18.72 -20.83
N THR A 82 15.19 18.01 -19.71
CA THR A 82 15.95 18.32 -18.54
C THR A 82 15.98 17.12 -17.59
N TYR A 83 16.99 17.10 -16.75
CA TYR A 83 17.13 16.05 -15.75
C TYR A 83 15.95 16.13 -14.80
N LEU A 84 15.28 15.00 -14.57
CA LEU A 84 14.16 14.96 -13.61
C LEU A 84 13.92 13.54 -13.24
N GLU A 85 13.20 13.36 -12.14
N GLU A 85 13.25 13.30 -12.11
CA GLU A 85 12.83 12.06 -11.62
CA GLU A 85 12.90 11.93 -11.78
C GLU A 85 11.31 11.95 -11.68
C GLU A 85 11.37 11.91 -11.67
N MET A 86 10.79 10.76 -11.98
CA MET A 86 9.34 10.56 -12.02
C MET A 86 8.92 9.68 -10.87
N ASP A 87 7.72 9.88 -10.36
CA ASP A 87 7.19 9.01 -9.31
C ASP A 87 5.67 9.08 -9.42
N PHE A 88 4.99 8.27 -8.62
CA PHE A 88 3.57 8.20 -8.69
C PHE A 88 2.94 7.93 -7.37
N MET A 89 1.71 8.40 -7.22
CA MET A 89 0.95 8.07 -6.03
C MET A 89 -0.40 7.49 -6.44
N ALA A 90 -0.97 6.72 -5.53
CA ALA A 90 -2.28 6.13 -5.70
C ALA A 90 -3.03 6.47 -4.42
N VAL A 91 -4.25 6.98 -4.61
CA VAL A 91 -5.10 7.38 -3.48
C VAL A 91 -6.53 6.88 -3.66
N SER A 92 -7.29 6.82 -2.58
CA SER A 92 -8.67 6.42 -2.63
C SER A 92 -9.47 7.31 -1.67
N SER A 93 -10.77 7.39 -1.92
CA SER A 93 -11.65 8.22 -1.13
C SER A 93 -12.03 7.62 0.19
N TYR A 94 -12.21 8.48 1.18
CA TYR A 94 -12.67 8.08 2.49
C TYR A 94 -14.20 8.18 2.60
N GLY A 95 -14.87 8.50 1.50
CA GLY A 95 -16.33 8.63 1.50
C GLY A 95 -16.75 10.07 1.31
N HIS A 96 -17.72 10.53 2.09
N HIS A 96 -17.71 10.54 2.09
CA HIS A 96 -18.19 11.92 1.99
CA HIS A 96 -18.17 11.92 1.94
C HIS A 96 -17.21 12.92 2.61
C HIS A 96 -17.17 12.91 2.56
N SER A 97 -16.25 12.43 3.40
CA SER A 97 -15.22 13.29 4.04
C SER A 97 -14.07 13.68 3.05
N THR A 98 -13.98 12.99 1.91
CA THR A 98 -13.01 13.34 0.85
C THR A 98 -13.63 14.50 0.01
N VAL A 99 -14.85 14.91 0.38
CA VAL A 99 -15.56 15.99 -0.31
C VAL A 99 -15.44 17.34 0.46
N SER A 100 -15.03 17.30 1.73
CA SER A 100 -14.86 18.52 2.55
C SER A 100 -13.47 19.16 2.38
N THR A 101 -12.41 18.50 2.86
CA THR A 101 -11.05 19.03 2.74
C THR A 101 -10.23 18.37 1.62
N GLY A 102 -10.78 17.35 0.97
CA GLY A 102 -10.04 16.62 -0.08
C GLY A 102 -9.16 15.52 0.53
N GLU A 103 -9.22 15.33 1.83
CA GLU A 103 -8.40 14.30 2.46
C GLU A 103 -8.66 12.95 1.81
N VAL A 104 -7.61 12.28 1.35
CA VAL A 104 -7.70 10.96 0.73
C VAL A 104 -6.80 9.93 1.45
N LYS A 105 -7.10 8.66 1.24
CA LYS A 105 -6.34 7.54 1.80
C LYS A 105 -5.18 7.24 0.83
N ILE A 106 -3.94 7.27 1.33
CA ILE A 106 -2.77 6.97 0.49
C ILE A 106 -2.61 5.48 0.29
N LEU A 107 -2.69 5.04 -0.96
CA LEU A 107 -2.55 3.61 -1.28
C LEU A 107 -1.13 3.33 -1.69
N LYS A 108 -0.53 4.29 -2.39
CA LYS A 108 0.86 4.18 -2.74
C LYS A 108 1.45 5.59 -2.64
N ASP A 109 2.43 5.68 -1.75
CA ASP A 109 3.14 6.90 -1.44
C ASP A 109 4.32 6.97 -2.39
N LEU A 110 5.05 8.08 -2.35
CA LEU A 110 6.21 8.29 -3.20
C LEU A 110 7.34 7.33 -2.81
N ASP A 111 8.12 6.90 -3.81
CA ASP A 111 9.25 5.99 -3.58
C ASP A 111 10.45 6.70 -2.97
N THR A 112 10.44 8.03 -2.94
CA THR A 112 11.54 8.78 -2.35
C THR A 112 10.97 9.92 -1.49
N SER A 113 11.79 10.50 -0.62
CA SER A 113 11.31 11.55 0.27
C SER A 113 11.08 12.87 -0.44
N VAL A 114 10.18 13.65 0.11
CA VAL A 114 9.81 14.95 -0.42
C VAL A 114 10.72 16.07 0.07
N GLU A 115 11.20 15.95 1.31
CA GLU A 115 12.02 16.99 1.95
C GLU A 115 13.10 17.56 1.05
N GLY A 116 13.04 18.88 0.83
CA GLY A 116 14.01 19.58 0.03
C GLY A 116 13.88 19.40 -1.46
N ARG A 117 12.86 18.68 -1.93
CA ARG A 117 12.69 18.50 -3.37
C ARG A 117 11.75 19.51 -4.01
N ASP A 118 12.00 19.81 -5.27
CA ASP A 118 11.11 20.64 -6.07
C ASP A 118 10.14 19.64 -6.67
N ILE A 119 8.89 19.66 -6.19
CA ILE A 119 7.82 18.75 -6.66
C ILE A 119 6.98 19.39 -7.76
N LEU A 120 6.81 18.66 -8.86
CA LEU A 120 5.95 19.08 -9.95
C LEU A 120 4.86 18.00 -10.05
N ILE A 121 3.61 18.37 -9.75
CA ILE A 121 2.46 17.46 -9.83
C ILE A 121 1.90 17.59 -11.24
N VAL A 122 1.81 16.46 -11.95
CA VAL A 122 1.31 16.42 -13.31
C VAL A 122 -0.06 15.76 -13.24
N GLU A 123 -1.07 16.46 -13.73
CA GLU A 123 -2.45 16.03 -13.66
C GLU A 123 -3.19 16.16 -15.00
N ASP A 124 -4.22 15.36 -15.18
CA ASP A 124 -5.01 15.48 -16.43
C ASP A 124 -6.03 16.63 -16.37
N ILE A 125 -6.73 16.74 -15.25
CA ILE A 125 -7.72 17.80 -15.09
C ILE A 125 -7.87 18.21 -13.64
N ILE A 126 -8.11 19.50 -13.44
CA ILE A 126 -8.37 20.04 -12.11
C ILE A 126 -9.80 20.54 -12.20
N ASP A 127 -10.65 20.12 -11.27
CA ASP A 127 -12.06 20.45 -11.29
C ASP A 127 -12.41 21.06 -9.93
N SER A 128 -12.70 20.25 -8.92
CA SER A 128 -13.01 20.75 -7.59
C SER A 128 -11.77 21.32 -6.91
N GLY A 129 -10.61 20.76 -7.24
CA GLY A 129 -9.33 21.16 -6.66
C GLY A 129 -9.08 20.57 -5.27
N LEU A 130 -10.05 19.82 -4.75
CA LEU A 130 -9.95 19.27 -3.40
C LEU A 130 -8.82 18.32 -3.12
N THR A 131 -8.71 17.26 -3.88
CA THR A 131 -7.70 16.29 -3.61
C THR A 131 -6.32 16.80 -4.00
N LEU A 132 -6.22 17.61 -5.05
CA LEU A 132 -4.92 18.13 -5.42
C LEU A 132 -4.48 19.15 -4.32
N SER A 133 -5.42 19.91 -3.79
CA SER A 133 -5.12 20.87 -2.72
C SER A 133 -4.56 20.13 -1.49
N TYR A 134 -5.18 19.00 -1.17
CA TYR A 134 -4.74 18.18 -0.05
C TYR A 134 -3.32 17.63 -0.27
N LEU A 135 -3.03 17.19 -1.48
CA LEU A 135 -1.69 16.64 -1.77
C LEU A 135 -0.60 17.75 -1.75
N VAL A 136 -0.89 18.90 -2.35
CA VAL A 136 0.05 20.01 -2.36
C VAL A 136 0.50 20.40 -0.95
N ASP A 137 -0.46 20.54 -0.03
CA ASP A 137 -0.14 20.93 1.33
C ASP A 137 0.46 19.79 2.14
N LEU A 138 0.20 18.57 1.73
CA LEU A 138 0.82 17.42 2.36
C LEU A 138 2.32 17.48 2.03
N PHE A 139 2.62 17.78 0.77
CA PHE A 139 4.01 17.86 0.34
C PHE A 139 4.71 19.05 1.00
N LYS A 140 4.00 20.17 1.18
CA LYS A 140 4.59 21.32 1.87
C LYS A 140 4.81 20.91 3.34
N TYR A 141 3.89 20.12 3.91
CA TYR A 141 4.09 19.62 5.27
C TYR A 141 5.37 18.74 5.34
N ARG A 142 5.60 17.98 4.28
CA ARG A 142 6.76 17.11 4.18
C ARG A 142 8.03 17.89 3.75
N LYS A 143 7.93 19.21 3.83
CA LYS A 143 9.05 20.14 3.59
C LYS A 143 9.62 20.17 2.17
N ALA A 144 8.72 20.10 1.20
CA ALA A 144 9.11 20.19 -0.20
C ALA A 144 9.79 21.54 -0.34
N LYS A 145 10.78 21.65 -1.22
CA LYS A 145 11.40 22.96 -1.41
C LYS A 145 10.39 23.85 -2.15
N SER A 146 9.59 23.22 -3.02
CA SER A 146 8.54 23.91 -3.77
C SER A 146 7.60 22.84 -4.31
N VAL A 147 6.37 23.28 -4.62
CA VAL A 147 5.36 22.42 -5.18
C VAL A 147 4.61 23.23 -6.21
N LYS A 148 4.61 22.73 -7.45
N LYS A 148 4.65 22.75 -7.45
CA LYS A 148 3.92 23.36 -8.55
CA LYS A 148 3.96 23.38 -8.57
C LYS A 148 3.07 22.33 -9.25
C LYS A 148 3.03 22.34 -9.19
N ILE A 149 2.09 22.79 -10.01
CA ILE A 149 1.16 21.92 -10.71
C ILE A 149 1.03 22.25 -12.20
N VAL A 150 1.13 21.21 -13.03
CA VAL A 150 0.88 21.37 -14.47
C VAL A 150 -0.32 20.43 -14.75
N THR A 151 -1.37 20.99 -15.34
CA THR A 151 -2.56 20.22 -15.67
C THR A 151 -2.87 20.40 -17.15
N LEU A 152 -3.32 19.33 -17.81
CA LEU A 152 -3.65 19.40 -19.21
C LEU A 152 -4.92 20.23 -19.41
N LEU A 153 -5.91 19.93 -18.59
CA LEU A 153 -7.20 20.59 -18.61
C LEU A 153 -7.52 21.25 -17.28
N ASP A 154 -8.20 22.38 -17.38
CA ASP A 154 -8.63 23.13 -16.21
C ASP A 154 -10.09 23.53 -16.38
N LYS A 155 -10.88 23.20 -15.38
CA LYS A 155 -12.30 23.51 -15.31
C LYS A 155 -12.49 24.41 -14.08
N PRO A 156 -12.15 25.70 -14.22
CA PRO A 156 -12.21 26.64 -13.09
C PRO A 156 -13.59 26.82 -12.41
N THR A 157 -14.71 26.65 -13.13
CA THR A 157 -16.02 26.82 -12.47
C THR A 157 -16.36 25.67 -11.54
N GLY A 158 -15.55 24.60 -11.59
CA GLY A 158 -15.78 23.47 -10.73
C GLY A 158 -15.21 23.58 -9.33
N ARG A 159 -14.33 24.57 -9.11
CA ARG A 159 -13.64 24.72 -7.81
C ARG A 159 -14.50 24.73 -6.56
N LYS A 160 -14.08 23.95 -5.57
CA LYS A 160 -14.73 23.90 -4.27
C LYS A 160 -13.75 24.42 -3.22
N VAL A 161 -12.52 24.70 -3.67
CA VAL A 161 -11.48 25.28 -2.86
C VAL A 161 -10.60 26.05 -3.84
N ASP A 162 -9.97 27.12 -3.38
CA ASP A 162 -9.09 27.91 -4.26
C ASP A 162 -7.81 27.15 -4.57
N LEU A 163 -7.53 27.05 -5.86
CA LEU A 163 -6.35 26.37 -6.32
C LEU A 163 -6.13 26.76 -7.76
N LYS A 164 -5.01 27.42 -8.02
CA LYS A 164 -4.65 27.80 -9.37
C LYS A 164 -3.45 26.96 -9.81
N ALA A 165 -3.57 26.29 -10.95
CA ALA A 165 -2.47 25.50 -11.49
C ALA A 165 -1.43 26.45 -12.04
N ASP A 166 -0.17 26.04 -11.95
CA ASP A 166 0.95 26.88 -12.39
C ASP A 166 1.13 26.81 -13.90
N TYR A 167 0.72 25.71 -14.49
CA TYR A 167 0.79 25.57 -15.95
C TYR A 167 -0.54 24.92 -16.30
N VAL A 168 -1.19 25.41 -17.36
CA VAL A 168 -2.49 24.90 -17.83
C VAL A 168 -2.48 24.75 -19.35
N GLY A 169 -2.83 23.58 -19.84
CA GLY A 169 -2.88 23.35 -21.29
C GLY A 169 -4.09 23.99 -21.92
N PHE A 170 -5.26 23.66 -21.37
CA PHE A 170 -6.52 24.16 -21.87
C PHE A 170 -7.56 24.37 -20.77
N THR A 171 -8.34 25.42 -20.91
CA THR A 171 -9.42 25.72 -19.99
C THR A 171 -10.65 25.17 -20.68
N VAL A 172 -11.36 24.29 -20.01
CA VAL A 172 -12.54 23.68 -20.60
C VAL A 172 -13.82 24.04 -19.87
N PRO A 173 -14.94 24.08 -20.59
CA PRO A 173 -16.24 24.37 -20.01
C PRO A 173 -16.79 23.12 -19.33
N HIS A 174 -18.05 23.15 -18.92
CA HIS A 174 -18.63 22.03 -18.24
C HIS A 174 -19.15 21.00 -19.26
N GLU A 175 -18.23 20.23 -19.82
CA GLU A 175 -18.53 19.17 -20.78
C GLU A 175 -18.13 17.84 -20.14
N PHE A 176 -18.84 16.76 -20.47
CA PHE A 176 -18.55 15.43 -19.95
C PHE A 176 -17.44 14.92 -20.88
N VAL A 177 -16.20 14.97 -20.40
CA VAL A 177 -15.05 14.62 -21.23
C VAL A 177 -14.44 13.25 -20.93
N VAL A 178 -13.97 12.59 -21.98
CA VAL A 178 -13.28 11.32 -21.83
C VAL A 178 -12.08 11.35 -22.76
N GLY A 179 -11.17 10.40 -22.57
CA GLY A 179 -9.98 10.32 -23.41
C GLY A 179 -8.72 10.91 -22.82
N TYR A 180 -7.58 10.48 -23.37
CA TYR A 180 -6.25 10.92 -22.96
C TYR A 180 -6.11 10.91 -21.44
N GLY A 181 -6.51 9.80 -20.84
CA GLY A 181 -6.46 9.58 -19.39
C GLY A 181 -7.82 9.65 -18.71
N LEU A 182 -8.73 10.42 -19.29
CA LEU A 182 -10.07 10.57 -18.72
C LEU A 182 -10.95 9.37 -19.08
N ASP A 183 -11.61 8.83 -18.05
CA ASP A 183 -12.45 7.66 -18.24
C ASP A 183 -13.92 7.84 -18.02
N TYR A 184 -14.67 6.83 -18.47
CA TYR A 184 -16.07 6.70 -18.13
C TYR A 184 -16.15 5.21 -17.84
N LYS A 185 -16.44 4.88 -16.59
CA LYS A 185 -16.49 3.50 -16.12
C LYS A 185 -15.20 2.73 -16.49
N GLU A 186 -14.07 3.40 -16.26
CA GLU A 186 -12.69 2.89 -16.47
C GLU A 186 -12.27 2.73 -17.94
N GLN A 187 -13.18 2.99 -18.86
CA GLN A 187 -12.89 2.88 -20.28
C GLN A 187 -12.62 4.23 -20.87
N TYR A 188 -12.17 4.23 -22.13
CA TYR A 188 -11.87 5.45 -22.88
C TYR A 188 -10.53 6.18 -22.56
N ARG A 189 -9.83 5.77 -21.50
CA ARG A 189 -8.57 6.46 -21.16
C ARG A 189 -7.52 6.44 -22.28
N ASN A 190 -7.59 5.40 -23.11
CA ASN A 190 -6.65 5.22 -24.23
C ASN A 190 -6.90 6.05 -25.48
N LEU A 191 -7.99 6.82 -25.51
CA LEU A 191 -8.20 7.68 -26.70
C LEU A 191 -7.04 8.68 -26.78
N PRO A 192 -6.56 8.96 -27.99
CA PRO A 192 -5.46 9.90 -28.13
C PRO A 192 -5.93 11.36 -28.16
N TYR A 193 -7.22 11.58 -27.94
CA TYR A 193 -7.78 12.95 -27.94
C TYR A 193 -8.74 13.04 -26.77
N VAL A 194 -9.25 14.24 -26.52
CA VAL A 194 -10.25 14.48 -25.47
C VAL A 194 -11.56 14.71 -26.21
N GLY A 195 -12.54 13.85 -25.97
CA GLY A 195 -13.84 13.96 -26.63
C GLY A 195 -14.94 14.17 -25.63
N VAL A 196 -16.09 14.61 -26.15
CA VAL A 196 -17.29 14.80 -25.35
C VAL A 196 -18.08 13.54 -25.57
N LEU A 197 -18.49 12.91 -24.48
CA LEU A 197 -19.24 11.66 -24.54
C LEU A 197 -20.70 11.95 -24.89
N LYS A 198 -21.28 11.18 -25.83
CA LYS A 198 -22.69 11.37 -26.18
C LYS A 198 -23.53 11.10 -24.91
N PRO A 199 -24.57 11.93 -24.64
CA PRO A 199 -25.42 11.79 -23.45
C PRO A 199 -25.95 10.37 -23.27
N SER A 200 -26.32 9.75 -24.37
N SER A 200 -26.29 9.74 -24.38
CA SER A 200 -26.83 8.38 -24.38
CA SER A 200 -26.82 8.38 -24.43
C SER A 200 -25.98 7.39 -23.59
C SER A 200 -25.99 7.38 -23.62
N VAL A 201 -24.67 7.49 -23.74
CA VAL A 201 -23.75 6.58 -23.07
C VAL A 201 -23.77 6.65 -21.54
N TYR A 202 -23.93 7.84 -20.98
CA TYR A 202 -23.90 7.98 -19.52
C TYR A 202 -25.22 8.37 -18.88
N SER A 203 -26.25 8.64 -19.68
CA SER A 203 -27.56 9.02 -19.16
C SER A 203 -28.48 7.81 -19.07
N TYR B 19 26.87 -35.41 27.29
CA TYR B 19 26.38 -34.10 26.78
C TYR B 19 24.97 -34.22 26.20
N PHE B 20 24.06 -33.42 26.75
CA PHE B 20 22.66 -33.43 26.34
C PHE B 20 22.24 -32.16 25.60
N GLN B 21 21.67 -32.33 24.42
CA GLN B 21 21.16 -31.20 23.65
C GLN B 21 19.65 -31.41 23.54
N SER B 22 18.95 -30.38 23.12
CA SER B 22 17.51 -30.43 22.95
C SER B 22 17.10 -29.22 22.11
N ASN B 23 15.81 -28.97 22.02
CA ASN B 23 15.32 -27.84 21.23
C ASN B 23 15.61 -26.53 22.01
N ALA B 24 15.97 -25.47 21.30
CA ALA B 24 16.30 -24.19 21.93
C ALA B 24 15.09 -23.42 22.49
N MET B 25 15.28 -22.72 23.61
CA MET B 25 14.23 -21.93 24.28
C MET B 25 14.65 -20.46 24.41
N MET B 26 13.75 -19.54 24.02
CA MET B 26 14.02 -18.10 24.07
C MET B 26 14.60 -17.59 25.38
N ASN B 27 14.13 -18.15 26.50
CA ASN B 27 14.61 -17.72 27.81
C ASN B 27 16.15 -17.84 27.98
N GLN B 28 16.74 -18.83 27.30
N GLN B 28 16.77 -18.84 27.35
CA GLN B 28 18.19 -19.04 27.33
CA GLN B 28 18.23 -18.98 27.40
C GLN B 28 18.91 -17.77 26.82
C GLN B 28 18.92 -17.73 26.85
N ASP B 29 18.26 -17.04 25.92
CA ASP B 29 18.83 -15.83 25.32
C ASP B 29 18.62 -14.56 26.14
N ILE B 30 17.84 -14.63 27.21
CA ILE B 30 17.52 -13.45 28.01
C ILE B 30 18.40 -13.40 29.25
N GLU B 31 19.11 -12.30 29.41
CA GLU B 31 19.98 -12.16 30.54
C GLU B 31 19.18 -11.88 31.79
N LYS B 32 18.16 -11.04 31.64
CA LYS B 32 17.37 -10.64 32.79
C LYS B 32 16.05 -10.04 32.35
N VAL B 33 15.02 -10.19 33.18
CA VAL B 33 13.70 -9.61 32.91
C VAL B 33 13.78 -8.16 33.37
N LEU B 34 13.52 -7.20 32.48
CA LEU B 34 13.56 -5.79 32.86
C LEU B 34 12.18 -5.39 33.45
N ILE B 35 11.11 -5.75 32.74
CA ILE B 35 9.75 -5.45 33.20
C ILE B 35 8.95 -6.75 33.07
N SER B 36 8.52 -7.29 34.21
CA SER B 36 7.79 -8.55 34.18
C SER B 36 6.38 -8.43 33.64
N GLU B 37 5.84 -9.57 33.25
CA GLU B 37 4.48 -9.65 32.78
C GLU B 37 3.55 -9.07 33.88
N GLU B 38 3.83 -9.41 35.13
N GLU B 38 3.84 -9.40 35.15
CA GLU B 38 3.00 -8.91 36.24
CA GLU B 38 3.02 -8.91 36.26
C GLU B 38 3.02 -7.38 36.30
C GLU B 38 3.03 -7.38 36.31
N GLN B 39 4.20 -6.79 36.09
CA GLN B 39 4.35 -5.32 36.08
C GLN B 39 3.61 -4.67 34.93
N ILE B 40 3.75 -5.26 33.75
CA ILE B 40 3.09 -4.73 32.57
C ILE B 40 1.57 -4.77 32.76
N GLN B 41 1.06 -5.88 33.29
CA GLN B 41 -0.39 -5.96 33.46
C GLN B 41 -0.92 -4.95 34.45
N GLU B 42 -0.21 -4.74 35.55
N GLU B 42 -0.24 -4.74 35.57
CA GLU B 42 -0.63 -3.77 36.55
CA GLU B 42 -0.71 -3.76 36.55
C GLU B 42 -0.71 -2.37 35.92
C GLU B 42 -0.70 -2.33 35.95
N LYS B 43 0.32 -2.02 35.14
CA LYS B 43 0.44 -0.69 34.46
C LYS B 43 -0.59 -0.50 33.35
N VAL B 44 -0.91 -1.58 32.64
CA VAL B 44 -1.93 -1.53 31.61
C VAL B 44 -3.30 -1.26 32.23
N LEU B 45 -3.55 -1.84 33.40
CA LEU B 45 -4.80 -1.66 34.07
C LEU B 45 -4.93 -0.17 34.46
N GLU B 46 -3.84 0.39 34.95
CA GLU B 46 -3.78 1.76 35.39
C GLU B 46 -3.98 2.73 34.26
N LEU B 47 -3.23 2.53 33.18
CA LEU B 47 -3.30 3.38 32.01
C LEU B 47 -4.64 3.32 31.27
N GLY B 48 -5.21 2.13 31.17
CA GLY B 48 -6.47 1.93 30.52
C GLY B 48 -7.57 2.66 31.26
N ALA B 49 -7.51 2.68 32.60
CA ALA B 49 -8.49 3.38 33.41
C ALA B 49 -8.38 4.90 33.21
N ILE B 50 -7.15 5.41 33.11
CA ILE B 50 -6.91 6.84 32.90
C ILE B 50 -7.40 7.30 31.53
N ILE B 51 -7.03 6.55 30.50
CA ILE B 51 -7.44 6.84 29.15
C ILE B 51 -8.98 6.81 29.01
N ALA B 52 -9.61 5.81 29.60
CA ALA B 52 -11.06 5.67 29.55
C ALA B 52 -11.71 6.92 30.15
N GLU B 53 -11.19 7.37 31.28
CA GLU B 53 -11.70 8.57 31.92
C GLU B 53 -11.49 9.77 30.98
N ASP B 54 -10.30 9.92 30.42
CA ASP B 54 -10.01 11.06 29.55
C ASP B 54 -10.80 11.11 28.26
N TYR B 55 -11.22 9.95 27.76
CA TYR B 55 -11.95 9.88 26.51
C TYR B 55 -13.37 9.39 26.67
N LYS B 56 -13.95 9.57 27.86
CA LYS B 56 -15.30 9.08 28.13
C LYS B 56 -16.43 9.67 27.28
N ASN B 57 -16.27 10.90 26.82
CA ASN B 57 -17.32 11.57 26.04
C ASN B 57 -17.05 11.65 24.55
N THR B 58 -16.11 10.86 24.05
CA THR B 58 -15.83 10.89 22.62
C THR B 58 -15.31 9.53 22.20
N VAL B 59 -15.55 9.14 20.96
CA VAL B 59 -15.01 7.87 20.47
C VAL B 59 -13.74 8.21 19.71
N PRO B 60 -12.58 8.00 20.37
CA PRO B 60 -11.33 8.29 19.72
C PRO B 60 -10.91 7.21 18.75
N LEU B 61 -9.99 7.57 17.86
CA LEU B 61 -9.42 6.63 16.93
C LEU B 61 -8.03 6.26 17.50
N ALA B 62 -7.91 5.03 17.98
CA ALA B 62 -6.70 4.50 18.58
C ALA B 62 -5.91 3.85 17.46
N ILE B 63 -4.71 4.37 17.21
CA ILE B 63 -3.86 3.89 16.11
C ILE B 63 -2.55 3.31 16.59
N GLY B 64 -2.20 2.16 16.03
CA GLY B 64 -0.94 1.47 16.33
C GLY B 64 -0.11 1.41 15.06
N VAL B 65 1.18 1.66 15.18
CA VAL B 65 2.07 1.55 13.99
C VAL B 65 2.67 0.16 14.08
N LEU B 66 2.42 -0.63 13.05
CA LEU B 66 2.91 -2.01 12.99
C LEU B 66 4.45 -2.00 12.98
N LYS B 67 5.10 -3.03 13.54
CA LYS B 67 4.45 -4.19 14.15
C LYS B 67 4.57 -4.19 15.66
N GLY B 68 5.52 -3.40 16.18
CA GLY B 68 5.85 -3.39 17.60
C GLY B 68 4.80 -3.04 18.65
N ALA B 69 3.88 -2.18 18.25
CA ALA B 69 2.84 -1.72 19.14
C ALA B 69 1.72 -2.71 19.45
N MET B 70 1.61 -3.76 18.67
N MET B 70 1.63 -3.77 18.66
CA MET B 70 0.50 -4.70 18.79
CA MET B 70 0.54 -4.75 18.73
C MET B 70 0.23 -5.34 20.15
C MET B 70 0.22 -5.40 20.08
N PRO B 71 1.19 -6.06 20.73
CA PRO B 71 0.86 -6.67 22.04
C PRO B 71 0.39 -5.63 23.07
N PHE B 72 1.07 -4.50 23.15
CA PHE B 72 0.67 -3.43 24.07
C PHE B 72 -0.69 -2.85 23.72
N MET B 73 -0.90 -2.50 22.46
CA MET B 73 -2.17 -1.96 22.06
C MET B 73 -3.34 -2.92 22.35
N ALA B 74 -3.16 -4.23 22.15
CA ALA B 74 -4.21 -5.22 22.42
C ALA B 74 -4.59 -5.20 23.89
N ASP B 75 -3.58 -5.34 24.74
CA ASP B 75 -3.79 -5.36 26.20
C ASP B 75 -4.30 -4.03 26.74
N LEU B 76 -3.77 -2.93 26.22
CA LEU B 76 -4.19 -1.62 26.69
C LEU B 76 -5.65 -1.36 26.37
N LEU B 77 -6.02 -1.53 25.11
CA LEU B 77 -7.39 -1.25 24.69
C LEU B 77 -8.42 -2.17 25.40
N LYS B 78 -8.05 -3.41 25.69
CA LYS B 78 -8.91 -4.35 26.45
C LYS B 78 -9.21 -3.85 27.86
N ARG B 79 -8.30 -3.08 28.44
CA ARG B 79 -8.45 -2.54 29.79
C ARG B 79 -8.95 -1.08 29.77
N THR B 80 -9.34 -0.65 28.58
CA THR B 80 -9.86 0.70 28.34
C THR B 80 -11.36 0.56 28.05
N ASP B 81 -12.16 0.72 29.10
CA ASP B 81 -13.61 0.55 29.00
C ASP B 81 -14.38 1.75 28.45
N THR B 82 -14.24 2.01 27.15
CA THR B 82 -14.95 3.10 26.53
C THR B 82 -15.08 2.79 25.04
N TYR B 83 -16.03 3.44 24.41
CA TYR B 83 -16.24 3.25 22.98
C TYR B 83 -15.06 3.85 22.24
N LEU B 84 -14.44 3.09 21.35
CA LEU B 84 -13.33 3.60 20.57
C LEU B 84 -13.20 2.77 19.31
N GLU B 85 -12.45 3.31 18.37
N GLU B 85 -12.46 3.31 18.35
CA GLU B 85 -12.20 2.63 17.09
CA GLU B 85 -12.19 2.67 17.06
C GLU B 85 -10.70 2.37 16.96
C GLU B 85 -10.69 2.40 16.93
N MET B 86 -10.33 1.22 16.40
CA MET B 86 -8.91 0.86 16.22
C MET B 86 -8.51 0.95 14.77
N ASP B 87 -7.27 1.32 14.53
CA ASP B 87 -6.78 1.36 13.16
C ASP B 87 -5.25 1.18 13.28
N PHE B 88 -4.63 0.97 12.15
CA PHE B 88 -3.21 0.73 12.11
C PHE B 88 -2.60 1.32 10.87
N MET B 89 -1.34 1.72 11.01
CA MET B 89 -0.57 2.19 9.86
C MET B 89 0.71 1.34 9.75
N ALA B 90 1.23 1.28 8.53
CA ALA B 90 2.49 0.61 8.24
C ALA B 90 3.32 1.63 7.46
N VAL B 91 4.55 1.79 7.90
CA VAL B 91 5.47 2.73 7.27
C VAL B 91 6.84 2.09 7.08
N SER B 92 7.66 2.68 6.22
CA SER B 92 9.01 2.20 5.98
C SER B 92 9.94 3.41 5.83
N SER B 93 11.22 3.17 6.05
CA SER B 93 12.20 4.23 5.97
C SER B 93 12.56 4.62 4.57
N TYR B 94 12.85 5.89 4.39
CA TYR B 94 13.34 6.40 3.10
C TYR B 94 14.89 6.37 3.09
N GLY B 95 15.51 5.85 4.16
CA GLY B 95 16.97 5.74 4.23
C GLY B 95 17.51 6.87 5.07
N HIS B 96 18.57 7.53 4.60
N HIS B 96 18.57 7.54 4.62
CA HIS B 96 19.15 8.65 5.34
CA HIS B 96 19.12 8.63 5.41
C HIS B 96 18.41 9.95 4.99
C HIS B 96 18.43 9.95 5.05
N SER B 97 17.12 9.96 5.29
CA SER B 97 16.23 11.10 5.09
C SER B 97 15.03 10.87 6.05
N THR B 98 15.05 9.69 6.72
CA THR B 98 14.09 9.30 7.75
C THR B 98 14.79 9.51 9.11
N VAL B 99 16.12 9.58 9.06
CA VAL B 99 16.98 9.78 10.24
C VAL B 99 17.14 11.26 10.62
N SER B 100 16.76 12.15 9.70
CA SER B 100 16.86 13.59 9.89
C SER B 100 15.58 14.29 9.39
N THR B 101 14.47 13.99 10.07
CA THR B 101 13.15 14.53 9.77
C THR B 101 12.07 13.63 10.37
N GLY B 102 12.27 12.32 10.23
CA GLY B 102 11.29 11.35 10.68
C GLY B 102 10.38 10.99 9.51
N GLU B 103 10.45 11.75 8.41
CA GLU B 103 9.63 11.48 7.19
C GLU B 103 9.81 10.02 6.76
N VAL B 104 8.70 9.27 6.77
CA VAL B 104 8.67 7.87 6.39
C VAL B 104 7.66 7.67 5.25
N LYS B 105 7.79 6.54 4.57
CA LYS B 105 6.93 6.16 3.45
C LYS B 105 5.73 5.46 4.06
N ILE B 106 4.53 5.91 3.69
CA ILE B 106 3.31 5.26 4.19
C ILE B 106 2.97 4.08 3.29
N LEU B 107 3.02 2.87 3.87
CA LEU B 107 2.71 1.63 3.18
C LEU B 107 1.26 1.25 3.38
N LYS B 108 0.69 1.58 4.51
CA LYS B 108 -0.73 1.34 4.72
C LYS B 108 -1.23 2.56 5.50
N ASP B 109 -2.15 3.34 4.92
CA ASP B 109 -2.70 4.52 5.58
C ASP B 109 -3.89 4.06 6.46
N LEU B 110 -4.44 4.99 7.20
CA LEU B 110 -5.58 4.71 8.06
C LEU B 110 -6.78 4.36 7.17
N ASP B 111 -7.64 3.50 7.69
N ASP B 111 -7.66 3.49 7.64
CA ASP B 111 -8.86 3.04 6.99
CA ASP B 111 -8.83 3.10 6.84
C ASP B 111 -9.96 4.09 7.03
C ASP B 111 -9.94 4.16 6.96
N THR B 112 -9.82 5.08 7.91
CA THR B 112 -10.80 6.14 8.08
C THR B 112 -10.09 7.49 8.13
N SER B 113 -10.82 8.56 7.83
CA SER B 113 -10.24 9.91 7.80
C SER B 113 -9.84 10.43 9.17
N VAL B 114 -8.86 11.33 9.22
CA VAL B 114 -8.41 11.89 10.48
C VAL B 114 -9.18 13.16 10.89
N GLU B 115 -9.66 13.91 9.92
CA GLU B 115 -10.36 15.18 10.17
C GLU B 115 -11.43 15.12 11.24
N GLY B 116 -11.28 15.98 12.25
CA GLY B 116 -12.25 16.09 13.32
C GLY B 116 -12.18 15.01 14.37
N ARG B 117 -11.27 14.07 14.22
CA ARG B 117 -11.16 12.97 15.21
C ARG B 117 -10.08 13.20 16.27
N ASP B 118 -10.29 12.62 17.44
CA ASP B 118 -9.33 12.64 18.52
C ASP B 118 -8.49 11.37 18.31
N ILE B 119 -7.22 11.56 17.96
CA ILE B 119 -6.31 10.48 17.69
C ILE B 119 -5.45 10.11 18.89
N LEU B 120 -5.40 8.82 19.18
CA LEU B 120 -4.59 8.29 20.27
C LEU B 120 -3.61 7.28 19.67
N ILE B 121 -2.34 7.64 19.62
CA ILE B 121 -1.27 6.77 19.09
C ILE B 121 -0.75 5.88 20.19
N VAL B 122 -0.79 4.57 19.94
CA VAL B 122 -0.33 3.57 20.89
C VAL B 122 1.00 3.06 20.37
N GLU B 123 2.03 3.18 21.18
CA GLU B 123 3.38 2.80 20.79
C GLU B 123 4.03 1.92 21.85
N ASP B 124 5.03 1.14 21.46
CA ASP B 124 5.71 0.29 22.43
C ASP B 124 6.87 1.04 23.09
N ILE B 125 7.60 1.83 22.33
CA ILE B 125 8.72 2.62 22.88
C ILE B 125 8.98 3.88 22.04
N ILE B 126 9.31 4.98 22.72
CA ILE B 126 9.66 6.25 22.08
C ILE B 126 11.11 6.49 22.46
N ASP B 127 11.95 6.58 21.44
CA ASP B 127 13.38 6.75 21.64
C ASP B 127 13.80 8.07 21.02
N SER B 128 14.10 8.09 19.73
CA SER B 128 14.49 9.33 19.08
C SER B 128 13.31 10.30 18.97
N GLY B 129 12.09 9.75 18.88
CA GLY B 129 10.87 10.54 18.72
C GLY B 129 10.67 11.08 17.29
N LEU B 130 11.57 10.73 16.38
CA LEU B 130 11.52 11.25 15.00
C LEU B 130 10.32 10.85 14.15
N THR B 131 10.13 9.54 13.98
N THR B 131 10.13 9.55 13.96
CA THR B 131 9.03 9.04 13.17
CA THR B 131 9.02 9.08 13.15
C THR B 131 7.68 9.35 13.82
C THR B 131 7.67 9.37 13.82
N LEU B 132 7.61 9.27 15.14
CA LEU B 132 6.39 9.54 15.82
C LEU B 132 6.03 11.04 15.67
N SER B 133 7.03 11.90 15.74
CA SER B 133 6.79 13.32 15.59
C SER B 133 6.25 13.61 14.18
N TYR B 134 6.81 12.92 13.20
CA TYR B 134 6.37 13.08 11.81
C TYR B 134 4.90 12.69 11.70
N LEU B 135 4.52 11.58 12.32
CA LEU B 135 3.13 11.12 12.27
C LEU B 135 2.20 12.08 13.01
N VAL B 136 2.59 12.54 14.18
CA VAL B 136 1.76 13.49 14.92
C VAL B 136 1.41 14.72 14.11
N ASP B 137 2.42 15.31 13.50
CA ASP B 137 2.19 16.53 12.73
C ASP B 137 1.49 16.24 11.41
N LEU B 138 1.59 15.00 10.96
CA LEU B 138 0.87 14.56 9.78
C LEU B 138 -0.62 14.56 10.14
N PHE B 139 -0.95 13.99 11.29
CA PHE B 139 -2.34 13.96 11.71
C PHE B 139 -2.87 15.38 11.96
N LYS B 140 -2.01 16.29 12.46
CA LYS B 140 -2.46 17.66 12.66
C LYS B 140 -2.66 18.31 11.29
N TYR B 141 -1.83 17.96 10.32
CA TYR B 141 -2.04 18.52 8.98
C TYR B 141 -3.40 18.01 8.46
N ARG B 142 -3.73 16.78 8.81
CA ARG B 142 -4.99 16.17 8.40
C ARG B 142 -6.19 16.65 9.23
N LYS B 143 -5.98 17.68 10.05
CA LYS B 143 -7.03 18.33 10.82
C LYS B 143 -7.61 17.53 11.95
N ALA B 144 -6.79 16.70 12.57
CA ALA B 144 -7.24 15.91 13.72
C ALA B 144 -7.76 16.90 14.75
N LYS B 145 -8.71 16.47 15.57
CA LYS B 145 -9.22 17.35 16.62
C LYS B 145 -8.16 17.45 17.74
N SER B 146 -7.54 16.32 18.06
CA SER B 146 -6.47 16.26 19.06
C SER B 146 -5.60 15.04 18.69
N VAL B 147 -4.37 15.03 19.15
CA VAL B 147 -3.47 13.89 18.92
C VAL B 147 -2.73 13.70 20.23
N LYS B 148 -2.86 12.52 20.80
CA LYS B 148 -2.14 12.18 22.02
C LYS B 148 -1.41 10.87 21.77
N ILE B 149 -0.48 10.57 22.67
CA ILE B 149 0.37 9.40 22.55
C ILE B 149 0.48 8.68 23.86
N VAL B 150 0.27 7.37 23.81
CA VAL B 150 0.46 6.53 24.98
C VAL B 150 1.54 5.52 24.61
N THR B 151 2.63 5.46 25.38
CA THR B 151 3.70 4.51 25.10
C THR B 151 3.98 3.66 26.31
N LEU B 152 4.23 2.37 26.08
CA LEU B 152 4.52 1.50 27.19
C LEU B 152 5.89 1.88 27.76
N LEU B 153 6.87 2.11 26.89
CA LEU B 153 8.21 2.45 27.31
C LEU B 153 8.71 3.78 26.73
N ASP B 154 9.51 4.47 27.53
CA ASP B 154 10.05 5.74 27.16
C ASP B 154 11.55 5.80 27.51
N LYS B 155 12.36 6.12 26.50
N LYS B 155 12.36 6.14 26.51
CA LYS B 155 13.81 6.31 26.63
CA LYS B 155 13.80 6.31 26.66
C LYS B 155 14.05 7.79 26.30
C LYS B 155 14.04 7.78 26.31
N PRO B 156 13.76 8.68 27.25
CA PRO B 156 13.92 10.12 27.00
C PRO B 156 15.33 10.58 26.60
N THR B 157 16.38 9.87 27.03
CA THR B 157 17.74 10.24 26.69
C THR B 157 18.06 10.08 25.19
N GLY B 158 17.24 9.34 24.46
CA GLY B 158 17.48 9.14 23.05
C GLY B 158 16.87 10.16 22.12
N ARG B 159 16.16 11.16 22.64
CA ARG B 159 15.48 12.13 21.78
C ARG B 159 16.37 12.90 20.82
N LYS B 160 15.92 12.98 19.57
CA LYS B 160 16.56 13.77 18.52
C LYS B 160 15.66 14.96 18.20
N VAL B 161 14.43 14.93 18.75
CA VAL B 161 13.47 15.99 18.57
C VAL B 161 12.69 16.07 19.89
N ASP B 162 12.13 17.23 20.19
CA ASP B 162 11.34 17.39 21.40
C ASP B 162 9.99 16.71 21.16
N LEU B 163 9.63 15.79 22.04
CA LEU B 163 8.37 15.10 21.91
C LEU B 163 8.07 14.37 23.21
N LYS B 164 7.04 14.79 23.94
CA LYS B 164 6.71 14.06 25.17
C LYS B 164 5.37 13.32 25.05
N ALA B 165 5.39 12.06 25.47
CA ALA B 165 4.21 11.25 25.44
C ALA B 165 3.25 11.76 26.49
N ASP B 166 1.97 11.59 26.23
CA ASP B 166 0.93 12.01 27.17
C ASP B 166 0.72 10.94 28.25
N TYR B 167 0.98 9.69 27.91
CA TYR B 167 0.84 8.59 28.84
C TYR B 167 2.06 7.69 28.69
N VAL B 168 2.70 7.36 29.81
CA VAL B 168 3.91 6.52 29.80
C VAL B 168 3.81 5.40 30.81
N GLY B 169 4.05 4.18 30.35
CA GLY B 169 4.04 3.05 31.27
C GLY B 169 5.30 3.07 32.12
N PHE B 170 6.45 2.94 31.45
CA PHE B 170 7.75 2.90 32.11
C PHE B 170 8.82 3.72 31.41
N THR B 171 9.62 4.45 32.19
CA THR B 171 10.73 5.21 31.66
C THR B 171 11.88 4.25 31.80
N VAL B 172 12.55 3.95 30.69
CA VAL B 172 13.65 3.01 30.71
C VAL B 172 15.03 3.63 30.47
N PRO B 173 16.08 2.97 30.96
CA PRO B 173 17.43 3.43 30.81
C PRO B 173 18.03 2.93 29.49
N HIS B 174 19.35 2.75 29.49
CA HIS B 174 20.10 2.29 28.33
C HIS B 174 20.31 0.76 28.29
N GLU B 175 19.22 0.03 28.01
CA GLU B 175 19.23 -1.44 27.92
C GLU B 175 18.82 -1.92 26.53
N PHE B 176 19.40 -3.03 26.08
CA PHE B 176 19.05 -3.62 24.78
C PHE B 176 17.84 -4.50 25.12
N VAL B 177 16.65 -4.04 24.76
CA VAL B 177 15.45 -4.78 25.11
C VAL B 177 14.72 -5.48 24.00
N VAL B 178 14.06 -6.57 24.36
CA VAL B 178 13.25 -7.38 23.48
C VAL B 178 12.04 -7.82 24.29
N GLY B 179 11.04 -8.36 23.59
CA GLY B 179 9.80 -8.81 24.18
C GLY B 179 8.62 -7.84 24.10
N TYR B 180 7.44 -8.42 24.24
CA TYR B 180 6.17 -7.70 24.25
C TYR B 180 6.10 -6.65 23.16
N GLY B 181 6.42 -7.09 21.94
CA GLY B 181 6.41 -6.24 20.75
C GLY B 181 7.80 -5.89 20.26
N LEU B 182 8.77 -5.83 21.17
CA LEU B 182 10.14 -5.46 20.81
C LEU B 182 10.90 -6.67 20.27
N ASP B 183 11.55 -6.49 19.12
CA ASP B 183 12.28 -7.59 18.48
C ASP B 183 13.78 -7.47 18.35
N TYR B 184 14.39 -8.60 18.04
CA TYR B 184 15.78 -8.65 17.65
C TYR B 184 15.71 -9.55 16.40
N LYS B 185 15.98 -8.96 15.25
CA LYS B 185 15.89 -9.67 13.97
C LYS B 185 14.53 -10.36 13.78
N GLU B 186 13.47 -9.63 14.15
CA GLU B 186 12.06 -10.05 14.03
C GLU B 186 11.60 -11.13 14.98
N GLN B 187 12.48 -11.56 15.87
CA GLN B 187 12.13 -12.57 16.84
C GLN B 187 11.95 -11.91 18.19
N TYR B 188 11.47 -12.68 19.15
CA TYR B 188 11.22 -12.25 20.55
C TYR B 188 10.00 -11.35 20.80
N ARG B 189 9.28 -10.91 19.77
CA ARG B 189 8.16 -10.03 19.97
C ARG B 189 7.04 -10.67 20.77
N ASN B 190 7.02 -12.00 20.78
CA ASN B 190 6.01 -12.77 21.50
C ASN B 190 6.31 -13.03 22.97
N LEU B 191 7.45 -12.60 23.48
CA LEU B 191 7.70 -12.76 24.92
C LEU B 191 6.63 -11.94 25.66
N PRO B 192 6.12 -12.47 26.78
CA PRO B 192 5.11 -11.79 27.57
C PRO B 192 5.72 -10.77 28.54
N TYR B 193 7.03 -10.54 28.44
CA TYR B 193 7.71 -9.58 29.32
C TYR B 193 8.73 -8.83 28.49
N VAL B 194 9.34 -7.81 29.09
CA VAL B 194 10.38 -7.04 28.41
C VAL B 194 11.67 -7.48 29.07
N GLY B 195 12.57 -8.03 28.26
CA GLY B 195 13.83 -8.53 28.78
C GLY B 195 15.05 -7.91 28.15
N VAL B 196 16.18 -8.12 28.82
CA VAL B 196 17.44 -7.63 28.32
C VAL B 196 18.11 -8.82 27.62
N LEU B 197 18.46 -8.63 26.36
CA LEU B 197 19.06 -9.69 25.56
C LEU B 197 20.54 -9.90 25.96
N LYS B 198 20.97 -11.16 26.10
CA LYS B 198 22.37 -11.43 26.43
C LYS B 198 23.22 -10.88 25.26
N PRO B 199 24.33 -10.19 25.58
CA PRO B 199 25.26 -9.58 24.59
C PRO B 199 25.66 -10.50 23.43
N SER B 200 25.84 -11.78 23.79
N SER B 200 25.91 -11.77 23.75
CA SER B 200 26.22 -12.85 22.89
CA SER B 200 26.30 -12.76 22.77
C SER B 200 25.35 -12.91 21.63
C SER B 200 25.35 -12.88 21.57
N VAL B 201 24.05 -12.69 21.81
CA VAL B 201 23.07 -12.79 20.74
C VAL B 201 23.14 -11.69 19.68
N TYR B 202 23.49 -10.47 20.08
CA TYR B 202 23.54 -9.36 19.12
C TYR B 202 24.93 -8.81 18.81
N SER B 203 25.98 -9.47 19.28
CA SER B 203 27.35 -9.01 19.01
C SER B 203 28.35 -10.12 19.27
N TYR C 19 37.17 29.46 -21.83
CA TYR C 19 36.41 28.31 -21.27
C TYR C 19 34.99 28.74 -20.90
N PHE C 20 34.00 28.10 -21.52
CA PHE C 20 32.58 28.42 -21.32
C PHE C 20 31.82 27.27 -20.67
N GLN C 21 31.03 27.56 -19.64
CA GLN C 21 30.20 26.55 -18.98
C GLN C 21 28.73 27.00 -19.03
N SER C 22 27.83 26.06 -18.80
CA SER C 22 26.38 26.33 -18.79
C SER C 22 25.68 25.07 -18.28
N ASN C 23 24.38 25.12 -18.15
CA ASN C 23 23.63 23.96 -17.68
C ASN C 23 23.88 22.66 -18.43
N ALA C 24 23.82 21.56 -17.70
CA ALA C 24 24.05 20.23 -18.26
C ALA C 24 22.83 19.77 -19.04
N MET C 25 23.07 19.02 -20.12
CA MET C 25 21.99 18.47 -20.98
C MET C 25 22.17 16.96 -21.06
N MET C 26 21.05 16.24 -20.95
CA MET C 26 21.06 14.78 -20.98
C MET C 26 21.78 14.18 -22.17
N ASN C 27 21.63 14.79 -23.33
CA ASN C 27 22.28 14.31 -24.56
C ASN C 27 23.81 14.12 -24.44
N GLN C 28 24.45 14.95 -23.63
N GLN C 28 24.49 14.96 -23.67
CA GLN C 28 25.89 14.88 -23.37
CA GLN C 28 25.95 14.81 -23.46
C GLN C 28 26.27 13.53 -22.76
C GLN C 28 26.28 13.46 -22.80
N ASP C 29 25.34 12.93 -22.02
CA ASP C 29 25.55 11.64 -21.35
C ASP C 29 25.27 10.39 -22.21
N ILE C 30 24.74 10.58 -23.41
CA ILE C 30 24.38 9.47 -24.29
C ILE C 30 25.43 9.24 -25.36
N GLU C 31 25.96 8.02 -25.38
CA GLU C 31 26.97 7.62 -26.32
C GLU C 31 26.37 7.54 -27.70
N LYS C 32 25.23 6.89 -27.80
CA LYS C 32 24.52 6.78 -29.08
C LYS C 32 23.06 6.40 -28.85
N VAL C 33 22.24 6.65 -29.87
CA VAL C 33 20.83 6.33 -29.82
C VAL C 33 20.68 4.90 -30.31
N LEU C 34 20.16 4.02 -29.46
CA LEU C 34 19.99 2.63 -29.87
C LEU C 34 18.71 2.51 -30.72
N ILE C 35 17.63 3.09 -30.22
CA ILE C 35 16.33 3.06 -30.88
C ILE C 35 15.78 4.48 -30.90
N SER C 36 15.64 5.05 -32.10
CA SER C 36 15.16 6.42 -32.22
C SER C 36 13.69 6.55 -31.88
N GLU C 37 13.29 7.77 -31.59
CA GLU C 37 11.91 8.04 -31.29
C GLU C 37 11.07 7.63 -32.51
N GLU C 38 11.56 7.89 -33.72
CA GLU C 38 10.81 7.52 -34.92
C GLU C 38 10.60 6.00 -35.01
N GLN C 39 11.61 5.23 -34.65
CA GLN C 39 11.53 3.77 -34.67
C GLN C 39 10.53 3.25 -33.66
N ILE C 40 10.53 3.85 -32.48
CA ILE C 40 9.61 3.48 -31.43
C ILE C 40 8.18 3.78 -31.87
N GLN C 41 7.97 4.93 -32.51
CA GLN C 41 6.62 5.29 -32.90
C GLN C 41 6.07 4.41 -34.00
N GLU C 42 6.92 4.02 -34.95
N GLU C 42 6.89 4.03 -34.98
CA GLU C 42 6.52 3.14 -36.02
CA GLU C 42 6.41 3.14 -36.03
C GLU C 42 6.09 1.78 -35.43
C GLU C 42 6.07 1.75 -35.44
N LYS C 43 6.91 1.27 -34.52
CA LYS C 43 6.68 -0.04 -33.87
C LYS C 43 5.45 0.00 -32.95
N VAL C 44 5.24 1.13 -32.28
CA VAL C 44 4.09 1.28 -31.41
C VAL C 44 2.81 1.23 -32.26
N LEU C 45 2.86 1.87 -33.42
CA LEU C 45 1.73 1.87 -34.32
C LEU C 45 1.44 0.41 -34.70
N GLU C 46 2.48 -0.27 -35.20
CA GLU C 46 2.36 -1.66 -35.61
C GLU C 46 1.75 -2.54 -34.53
N LEU C 47 2.33 -2.49 -33.32
CA LEU C 47 1.88 -3.31 -32.20
C LEU C 47 0.48 -2.93 -31.72
N GLY C 48 0.16 -1.64 -31.78
CA GLY C 48 -1.15 -1.17 -31.36
C GLY C 48 -2.24 -1.80 -32.20
N ALA C 49 -2.00 -1.84 -33.52
CA ALA C 49 -2.94 -2.41 -34.46
C ALA C 49 -3.13 -3.91 -34.25
N ILE C 50 -2.04 -4.63 -33.99
CA ILE C 50 -2.09 -6.07 -33.76
C ILE C 50 -2.87 -6.40 -32.48
N ILE C 51 -2.58 -5.69 -31.42
CA ILE C 51 -3.27 -5.89 -30.14
C ILE C 51 -4.77 -5.55 -30.24
N ALA C 52 -5.09 -4.46 -30.93
CA ALA C 52 -6.49 -4.05 -31.13
C ALA C 52 -7.24 -5.16 -31.85
N GLU C 53 -6.61 -5.75 -32.86
CA GLU C 53 -7.22 -6.84 -33.59
C GLU C 53 -7.41 -8.06 -32.66
N ASP C 54 -6.38 -8.41 -31.89
CA ASP C 54 -6.47 -9.57 -31.01
C ASP C 54 -7.45 -9.44 -29.85
N TYR C 55 -7.77 -8.22 -29.46
CA TYR C 55 -8.65 -7.99 -28.32
C TYR C 55 -9.92 -7.26 -28.75
N LYS C 56 -10.26 -7.37 -30.01
CA LYS C 56 -11.42 -6.68 -30.57
C LYS C 56 -12.78 -7.03 -29.99
N ASN C 57 -12.93 -8.27 -29.51
CA ASN C 57 -14.21 -8.75 -28.97
C ASN C 57 -14.26 -8.80 -27.46
N THR C 58 -13.29 -8.23 -26.78
CA THR C 58 -13.30 -8.26 -25.33
C THR C 58 -12.53 -7.07 -24.81
N VAL C 59 -12.96 -6.51 -23.69
CA VAL C 59 -12.23 -5.38 -23.11
C VAL C 59 -11.25 -5.92 -22.08
N PRO C 60 -9.97 -5.93 -22.44
CA PRO C 60 -8.97 -6.45 -21.53
C PRO C 60 -8.53 -5.44 -20.52
N LEU C 61 -7.86 -5.95 -19.48
CA LEU C 61 -7.27 -5.13 -18.44
C LEU C 61 -5.78 -5.02 -18.80
N ALA C 62 -5.34 -3.83 -19.19
CA ALA C 62 -3.96 -3.58 -19.58
C ALA C 62 -3.28 -3.05 -18.34
N ILE C 63 -2.26 -3.74 -17.88
CA ILE C 63 -1.62 -3.33 -16.65
C ILE C 63 -0.14 -3.09 -16.83
N GLY C 64 0.34 -2.04 -16.19
CA GLY C 64 1.76 -1.67 -16.24
C GLY C 64 2.32 -1.73 -14.84
N VAL C 65 3.55 -2.20 -14.72
CA VAL C 65 4.22 -2.24 -13.42
C VAL C 65 5.05 -0.98 -13.36
N LEU C 66 4.75 -0.13 -12.37
CA LEU C 66 5.48 1.13 -12.22
C LEU C 66 6.96 0.84 -11.96
N LYS C 67 7.86 1.72 -12.39
CA LYS C 67 7.58 2.97 -13.08
C LYS C 67 7.97 2.93 -14.54
N GLY C 68 8.85 2.01 -14.90
CA GLY C 68 9.42 1.91 -16.26
C GLY C 68 8.53 1.75 -17.47
N ALA C 69 7.42 1.08 -17.24
CA ALA C 69 6.44 0.79 -18.26
C ALA C 69 5.60 1.95 -18.76
N MET C 70 5.58 3.06 -18.03
N MET C 70 5.59 3.05 -17.99
CA MET C 70 4.70 4.16 -18.36
CA MET C 70 4.74 4.22 -18.24
C MET C 70 4.80 4.77 -19.73
C MET C 70 4.78 4.88 -19.62
N PRO C 71 5.97 5.33 -20.10
CA PRO C 71 6.01 5.95 -21.42
C PRO C 71 5.51 5.01 -22.55
N PHE C 72 5.98 3.77 -22.56
CA PHE C 72 5.55 2.81 -23.56
C PHE C 72 4.05 2.49 -23.45
N MET C 73 3.57 2.22 -22.24
CA MET C 73 2.15 1.93 -22.03
C MET C 73 1.27 3.06 -22.57
N ALA C 74 1.62 4.32 -22.26
CA ALA C 74 0.88 5.50 -22.76
C ALA C 74 0.77 5.52 -24.26
N ASP C 75 1.93 5.44 -24.94
CA ASP C 75 1.96 5.48 -26.40
C ASP C 75 1.30 4.26 -27.02
N LEU C 76 1.57 3.07 -26.49
CA LEU C 76 0.99 1.86 -27.05
C LEU C 76 -0.54 1.88 -26.98
N LEU C 77 -1.09 2.14 -25.80
CA LEU C 77 -2.54 2.14 -25.64
C LEU C 77 -3.23 3.24 -26.48
N LYS C 78 -2.57 4.38 -26.68
CA LYS C 78 -3.10 5.42 -27.54
C LYS C 78 -3.27 4.95 -28.99
N ARG C 79 -2.43 4.00 -29.41
CA ARG C 79 -2.45 3.48 -30.78
C ARG C 79 -3.19 2.14 -30.87
N THR C 80 -3.88 1.79 -29.80
CA THR C 80 -4.67 0.55 -29.71
C THR C 80 -6.13 0.99 -29.65
N ASP C 81 -6.78 0.94 -30.80
CA ASP C 81 -8.17 1.38 -30.94
C ASP C 81 -9.21 0.32 -30.56
N THR C 82 -9.35 0.08 -29.27
CA THR C 82 -10.32 -0.88 -28.79
C THR C 82 -10.64 -0.51 -27.35
N TYR C 83 -11.81 -0.93 -26.91
CA TYR C 83 -12.21 -0.68 -25.54
C TYR C 83 -11.31 -1.49 -24.61
N LEU C 84 -10.80 -0.86 -23.57
CA LEU C 84 -9.95 -1.56 -22.62
C LEU C 84 -9.85 -0.75 -21.36
N GLU C 85 -9.41 -1.40 -20.30
N GLU C 85 -9.44 -1.41 -20.30
CA GLU C 85 -9.26 -0.75 -19.00
CA GLU C 85 -9.28 -0.78 -18.97
C GLU C 85 -7.77 -0.74 -18.61
C GLU C 85 -7.79 -0.77 -18.58
N MET C 86 -7.34 0.32 -17.93
CA MET C 86 -5.94 0.42 -17.51
C MET C 86 -5.82 0.30 -16.03
N ASP C 87 -4.74 -0.32 -15.59
CA ASP C 87 -4.49 -0.41 -14.17
C ASP C 87 -2.98 -0.49 -13.98
N PHE C 88 -2.55 -0.38 -12.74
CA PHE C 88 -1.16 -0.37 -12.43
C PHE C 88 -0.84 -1.10 -11.15
N MET C 89 0.35 -1.67 -11.10
CA MET C 89 0.85 -2.28 -9.88
C MET C 89 2.20 -1.66 -9.50
N ALA C 90 2.50 -1.65 -8.20
CA ALA C 90 3.79 -1.20 -7.71
C ALA C 90 4.27 -2.35 -6.84
N VAL C 91 5.52 -2.74 -7.04
CA VAL C 91 6.12 -3.85 -6.30
C VAL C 91 7.53 -3.48 -5.82
N SER C 92 8.03 -4.19 -4.82
CA SER C 92 9.38 -3.98 -4.35
C SER C 92 10.04 -5.33 -4.07
N SER C 93 11.36 -5.29 -4.06
CA SER C 93 12.13 -6.49 -3.84
C SER C 93 12.14 -6.92 -2.39
N TYR C 94 12.16 -8.23 -2.18
CA TYR C 94 12.27 -8.80 -0.83
C TYR C 94 13.74 -9.06 -0.45
N GLY C 95 14.68 -8.66 -1.31
CA GLY C 95 16.08 -8.84 -1.02
C GLY C 95 16.68 -9.83 -1.99
N HIS C 96 17.39 -10.83 -1.48
N HIS C 96 17.41 -10.82 -1.49
CA HIS C 96 17.99 -11.79 -2.39
CA HIS C 96 18.01 -11.82 -2.36
C HIS C 96 16.95 -12.86 -2.80
C HIS C 96 16.98 -12.88 -2.76
N SER C 97 15.87 -12.97 -2.01
CA SER C 97 14.78 -13.93 -2.30
C SER C 97 13.87 -13.49 -3.50
N THR C 98 14.09 -12.27 -4.00
CA THR C 98 13.40 -11.75 -5.19
C THR C 98 14.34 -11.98 -6.39
N VAL C 99 15.64 -11.80 -6.14
CA VAL C 99 16.69 -11.99 -7.14
C VAL C 99 16.75 -13.46 -7.57
N SER C 100 16.45 -14.34 -6.62
CA SER C 100 16.51 -15.77 -6.85
C SER C 100 15.18 -16.43 -7.27
N THR C 101 14.05 -15.74 -7.17
CA THR C 101 12.76 -16.40 -7.56
C THR C 101 11.65 -15.54 -8.19
N GLY C 102 11.78 -14.23 -8.14
CA GLY C 102 10.78 -13.35 -8.73
C GLY C 102 9.75 -12.86 -7.74
N GLU C 103 9.49 -13.61 -6.66
CA GLU C 103 8.53 -13.21 -5.63
C GLU C 103 8.85 -11.78 -5.20
N VAL C 104 7.88 -10.89 -5.35
CA VAL C 104 8.03 -9.48 -4.97
C VAL C 104 6.93 -9.09 -3.99
N LYS C 105 7.16 -8.00 -3.26
CA LYS C 105 6.20 -7.47 -2.29
C LYS C 105 5.29 -6.55 -3.07
N ILE C 106 3.98 -6.74 -2.92
CA ILE C 106 3.02 -5.90 -3.62
C ILE C 106 2.75 -4.64 -2.79
N LEU C 107 3.07 -3.49 -3.36
CA LEU C 107 2.88 -2.19 -2.68
C LEU C 107 1.58 -1.55 -3.11
N LYS C 108 1.16 -1.79 -4.34
CA LYS C 108 -0.12 -1.31 -4.83
C LYS C 108 -0.66 -2.45 -5.71
N ASP C 109 -1.79 -3.02 -5.33
CA ASP C 109 -2.41 -4.10 -6.08
C ASP C 109 -3.34 -3.46 -7.13
N LEU C 110 -3.90 -4.30 -7.99
CA LEU C 110 -4.81 -3.82 -9.02
C LEU C 110 -6.06 -3.25 -8.34
N ASP C 111 -6.65 -2.24 -8.98
CA ASP C 111 -7.85 -1.57 -8.49
C ASP C 111 -9.10 -2.40 -8.75
N THR C 112 -8.98 -3.45 -9.58
CA THR C 112 -10.11 -4.32 -9.87
C THR C 112 -9.66 -5.78 -9.83
N SER C 113 -10.62 -6.70 -9.74
CA SER C 113 -10.30 -8.12 -9.67
C SER C 113 -9.77 -8.69 -10.98
N VAL C 114 -8.96 -9.74 -10.85
CA VAL C 114 -8.41 -10.39 -12.03
C VAL C 114 -9.31 -11.53 -12.55
N GLU C 115 -10.09 -12.12 -11.65
CA GLU C 115 -10.95 -13.27 -12.02
C GLU C 115 -11.76 -13.05 -13.30
N GLY C 116 -11.58 -13.95 -14.25
CA GLY C 116 -12.31 -13.90 -15.50
C GLY C 116 -11.89 -12.84 -16.49
N ARG C 117 -10.87 -12.07 -16.19
CA ARG C 117 -10.41 -11.01 -17.11
C ARG C 117 -9.25 -11.44 -18.01
N ASP C 118 -9.17 -10.82 -19.17
CA ASP C 118 -8.07 -11.02 -20.10
C ASP C 118 -7.05 -9.96 -19.70
N ILE C 119 -5.92 -10.40 -19.15
CA ILE C 119 -4.87 -9.50 -18.70
C ILE C 119 -3.79 -9.31 -19.76
N LEU C 120 -3.41 -8.06 -19.99
CA LEU C 120 -2.33 -7.71 -20.90
C LEU C 120 -1.30 -6.90 -20.10
N ILE C 121 -0.12 -7.48 -19.84
CA ILE C 121 0.93 -6.80 -19.09
C ILE C 121 1.79 -6.04 -20.07
N VAL C 122 1.94 -4.73 -19.84
CA VAL C 122 2.73 -3.84 -20.70
C VAL C 122 4.02 -3.57 -19.93
N GLU C 123 5.14 -3.89 -20.57
CA GLU C 123 6.46 -3.77 -19.96
C GLU C 123 7.43 -3.04 -20.87
N ASP C 124 8.45 -2.43 -20.27
CA ASP C 124 9.45 -1.73 -21.09
C ASP C 124 10.55 -2.71 -21.53
N ILE C 125 11.00 -3.58 -20.62
CA ILE C 125 12.03 -4.57 -20.95
C ILE C 125 11.91 -5.85 -20.13
N ILE C 126 12.15 -6.99 -20.77
CA ILE C 126 12.14 -8.29 -20.10
C ILE C 126 13.57 -8.79 -20.23
N ASP C 127 14.18 -9.08 -19.10
CA ASP C 127 15.57 -9.50 -19.05
C ASP C 127 15.65 -10.86 -18.38
N SER C 128 15.70 -10.91 -17.07
CA SER C 128 15.75 -12.18 -16.38
C SER C 128 14.40 -12.89 -16.49
N GLY C 129 13.32 -12.11 -16.55
CA GLY C 129 11.94 -12.66 -16.62
C GLY C 129 11.39 -13.14 -15.28
N LEU C 130 12.18 -13.03 -14.21
CA LEU C 130 11.76 -13.52 -12.89
C LEU C 130 10.55 -12.82 -12.30
N THR C 131 10.57 -11.49 -12.28
CA THR C 131 9.48 -10.70 -11.74
C THR C 131 8.20 -10.86 -12.53
N LEU C 132 8.35 -10.78 -13.83
CA LEU C 132 7.21 -10.89 -14.70
C LEU C 132 6.59 -12.29 -14.61
N SER C 133 7.42 -13.31 -14.52
CA SER C 133 6.93 -14.66 -14.41
C SER C 133 6.15 -14.82 -13.09
N TYR C 134 6.64 -14.23 -12.01
CA TYR C 134 5.92 -14.32 -10.73
C TYR C 134 4.52 -13.69 -10.84
N LEU C 135 4.45 -12.53 -11.49
CA LEU C 135 3.20 -11.82 -11.64
C LEU C 135 2.22 -12.55 -12.57
N VAL C 136 2.74 -13.09 -13.68
CA VAL C 136 1.92 -13.84 -14.62
C VAL C 136 1.22 -14.99 -13.90
N ASP C 137 1.98 -15.79 -13.17
CA ASP C 137 1.39 -16.92 -12.47
C ASP C 137 0.53 -16.48 -11.27
N LEU C 138 0.78 -15.27 -10.77
CA LEU C 138 -0.05 -14.68 -9.73
C LEU C 138 -1.41 -14.39 -10.37
N PHE C 139 -1.41 -13.81 -11.57
CA PHE C 139 -2.69 -13.52 -12.22
C PHE C 139 -3.43 -14.82 -12.57
N LYS C 140 -2.69 -15.87 -12.94
CA LYS C 140 -3.33 -17.14 -13.24
C LYS C 140 -3.88 -17.72 -11.96
N TYR C 141 -3.18 -17.55 -10.84
CA TYR C 141 -3.69 -18.03 -9.57
C TYR C 141 -5.01 -17.32 -9.24
N ARG C 142 -5.06 -16.03 -9.57
CA ARG C 142 -6.25 -15.21 -9.34
C ARG C 142 -7.35 -15.47 -10.39
N LYS C 143 -7.16 -16.50 -11.21
CA LYS C 143 -8.18 -16.92 -12.17
C LYS C 143 -8.41 -16.04 -13.37
N ALA C 144 -7.35 -15.43 -13.88
CA ALA C 144 -7.47 -14.62 -15.09
C ALA C 144 -7.94 -15.51 -16.22
N LYS C 145 -8.64 -14.94 -17.20
CA LYS C 145 -9.10 -15.72 -18.33
C LYS C 145 -7.89 -16.01 -19.24
N SER C 146 -7.04 -15.01 -19.42
CA SER C 146 -5.81 -15.14 -20.19
C SER C 146 -4.79 -14.10 -19.67
N VAL C 147 -3.51 -14.34 -19.90
CA VAL C 147 -2.47 -13.39 -19.50
C VAL C 147 -1.49 -13.35 -20.65
N LYS C 148 -1.30 -12.17 -21.21
CA LYS C 148 -0.34 -11.96 -22.29
C LYS C 148 0.56 -10.79 -21.89
N ILE C 149 1.72 -10.73 -22.55
CA ILE C 149 2.69 -9.73 -22.29
C ILE C 149 3.17 -9.08 -23.56
N VAL C 150 3.18 -7.73 -23.56
CA VAL C 150 3.74 -6.95 -24.65
C VAL C 150 4.90 -6.18 -24.01
N THR C 151 6.09 -6.27 -24.61
CA THR C 151 7.25 -5.57 -24.10
C THR C 151 7.86 -4.79 -25.22
N LEU C 152 8.33 -3.58 -24.92
CA LEU C 152 8.96 -2.77 -25.94
C LEU C 152 10.31 -3.41 -26.30
N LEU C 153 11.07 -3.82 -25.27
CA LEU C 153 12.35 -4.41 -25.46
C LEU C 153 12.47 -5.79 -24.83
N ASP C 154 13.18 -6.67 -25.52
CA ASP C 154 13.38 -8.02 -25.06
C ASP C 154 14.88 -8.33 -25.13
N LYS C 155 15.42 -8.81 -24.00
N LYS C 155 15.41 -8.87 -24.03
CA LYS C 155 16.80 -9.24 -23.89
CA LYS C 155 16.80 -9.21 -23.95
C LYS C 155 16.75 -10.74 -23.52
C LYS C 155 16.80 -10.69 -23.55
N PRO C 156 16.51 -11.59 -24.53
CA PRO C 156 16.39 -13.03 -24.30
C PRO C 156 17.62 -13.70 -23.66
N THR C 157 18.83 -13.22 -23.96
CA THR C 157 20.03 -13.82 -23.38
C THR C 157 20.12 -13.64 -21.87
N GLY C 158 19.30 -12.76 -21.29
CA GLY C 158 19.32 -12.55 -19.86
C GLY C 158 18.41 -13.44 -19.03
N ARG C 159 17.61 -14.31 -19.64
CA ARG C 159 16.64 -15.13 -18.89
C ARG C 159 17.20 -16.03 -17.82
N LYS C 160 16.52 -16.03 -16.67
CA LYS C 160 16.85 -16.93 -15.56
C LYS C 160 15.69 -17.93 -15.42
N VAL C 161 14.63 -17.69 -16.17
CA VAL C 161 13.45 -18.53 -16.19
C VAL C 161 12.92 -18.48 -17.62
N ASP C 162 12.19 -19.51 -18.02
CA ASP C 162 11.61 -19.54 -19.35
C ASP C 162 10.39 -18.64 -19.37
N LEU C 163 10.39 -17.67 -20.25
CA LEU C 163 9.26 -16.76 -20.37
C LEU C 163 9.37 -16.01 -21.70
N LYS C 164 8.42 -16.25 -22.61
N LYS C 164 8.42 -16.23 -22.60
CA LYS C 164 8.42 -15.56 -23.90
CA LYS C 164 8.43 -15.54 -23.89
C LYS C 164 7.28 -14.54 -23.99
C LYS C 164 7.29 -14.54 -23.97
N ALA C 165 7.62 -13.32 -24.40
CA ALA C 165 6.63 -12.27 -24.52
C ALA C 165 5.77 -12.60 -25.73
N ASP C 166 4.50 -12.24 -25.65
CA ASP C 166 3.58 -12.48 -26.77
C ASP C 166 3.76 -11.45 -27.85
N TYR C 167 4.13 -10.23 -27.46
CA TYR C 167 4.37 -9.16 -28.43
C TYR C 167 5.68 -8.50 -28.02
N VAL C 168 6.56 -8.26 -28.99
CA VAL C 168 7.87 -7.67 -28.72
C VAL C 168 8.19 -6.59 -29.73
N GLY C 169 8.54 -5.41 -29.24
CA GLY C 169 8.92 -4.32 -30.17
C GLY C 169 10.29 -4.58 -30.77
N PHE C 170 11.30 -4.63 -29.91
CA PHE C 170 12.69 -4.81 -30.34
C PHE C 170 13.44 -5.82 -29.48
N THR C 171 14.23 -6.67 -30.13
CA THR C 171 15.06 -7.61 -29.41
C THR C 171 16.39 -6.90 -29.34
N VAL C 172 16.87 -6.66 -28.13
CA VAL C 172 18.11 -5.93 -27.95
C VAL C 172 19.28 -6.81 -27.48
N PRO C 173 20.51 -6.39 -27.82
CA PRO C 173 21.69 -7.13 -27.46
C PRO C 173 22.16 -6.79 -26.04
N HIS C 174 23.48 -6.76 -25.85
CA HIS C 174 24.07 -6.46 -24.55
C HIS C 174 24.52 -5.00 -24.41
N GLU C 175 23.56 -4.11 -24.21
CA GLU C 175 23.82 -2.68 -24.08
C GLU C 175 23.26 -2.15 -22.75
N PHE C 176 23.91 -1.12 -22.22
CA PHE C 176 23.48 -0.47 -20.99
C PHE C 176 22.54 0.61 -21.52
N VAL C 177 21.23 0.42 -21.35
CA VAL C 177 20.28 1.37 -21.93
C VAL C 177 19.49 2.25 -20.95
N VAL C 178 19.13 3.44 -21.41
CA VAL C 178 18.33 4.40 -20.66
C VAL C 178 17.37 5.05 -21.64
N GLY C 179 16.38 5.75 -21.09
CA GLY C 179 15.37 6.44 -21.88
C GLY C 179 14.05 5.71 -22.04
N TYR C 180 13.04 6.48 -22.45
CA TYR C 180 11.69 5.99 -22.70
C TYR C 180 11.25 5.03 -21.62
N GLY C 181 11.42 5.45 -20.39
CA GLY C 181 11.06 4.66 -19.21
C GLY C 181 12.22 4.03 -18.48
N LEU C 182 13.31 3.76 -19.18
CA LEU C 182 14.48 3.12 -18.59
C LEU C 182 15.33 4.18 -17.87
N ASP C 183 15.76 3.90 -16.64
CA ASP C 183 16.54 4.87 -15.90
C ASP C 183 17.94 4.48 -15.53
N TYR C 184 18.66 5.48 -15.03
CA TYR C 184 19.96 5.29 -14.40
C TYR C 184 19.84 6.18 -13.17
N LYS C 185 19.78 5.56 -12.01
CA LYS C 185 19.62 6.29 -10.74
C LYS C 185 18.39 7.23 -10.79
N GLU C 186 17.30 6.69 -11.31
CA GLU C 186 16.00 7.36 -11.43
C GLU C 186 15.91 8.47 -12.44
N GLN C 187 17.00 8.78 -13.12
CA GLN C 187 16.97 9.81 -14.12
C GLN C 187 16.96 9.18 -15.51
N TYR C 188 16.77 10.01 -16.52
CA TYR C 188 16.73 9.59 -17.95
C TYR C 188 15.44 8.95 -18.45
N ARG C 189 14.46 8.66 -17.58
CA ARG C 189 13.24 7.99 -18.03
C ARG C 189 12.43 8.81 -19.02
N ASN C 190 12.62 10.12 -18.99
CA ASN C 190 11.92 11.04 -19.87
C ASN C 190 12.53 11.22 -21.25
N LEU C 191 13.65 10.56 -21.54
CA LEU C 191 14.16 10.69 -22.92
C LEU C 191 13.14 10.10 -23.88
N PRO C 192 12.96 10.72 -25.07
CA PRO C 192 11.99 10.18 -26.01
C PRO C 192 12.57 9.03 -26.86
N TYR C 193 13.78 8.57 -26.55
CA TYR C 193 14.42 7.48 -27.32
C TYR C 193 15.12 6.57 -26.34
N VAL C 194 15.63 5.44 -26.82
CA VAL C 194 16.37 4.50 -25.98
C VAL C 194 17.83 4.69 -26.42
N GLY C 195 18.66 5.08 -25.46
CA GLY C 195 20.04 5.34 -25.77
C GLY C 195 20.99 4.53 -24.93
N VAL C 196 22.23 4.53 -25.39
CA VAL C 196 23.30 3.84 -24.70
C VAL C 196 24.03 4.94 -23.91
N LEU C 197 24.12 4.72 -22.61
CA LEU C 197 24.73 5.66 -21.71
C LEU C 197 26.26 5.56 -21.81
N LYS C 198 26.95 6.69 -21.81
CA LYS C 198 28.42 6.69 -21.85
C LYS C 198 28.94 6.01 -20.57
N PRO C 199 29.96 5.14 -20.70
CA PRO C 199 30.59 4.38 -19.61
C PRO C 199 30.93 5.21 -18.37
N SER C 200 31.38 6.43 -18.61
N SER C 200 31.42 6.43 -18.59
CA SER C 200 31.76 7.39 -17.59
CA SER C 200 31.80 7.32 -17.50
C SER C 200 30.69 7.65 -16.54
C SER C 200 30.68 7.61 -16.50
N VAL C 201 29.44 7.69 -16.99
CA VAL C 201 28.30 7.97 -16.13
C VAL C 201 27.96 6.90 -15.08
N TYR C 202 28.19 5.63 -15.41
CA TYR C 202 27.86 4.55 -14.46
C TYR C 202 29.07 3.77 -13.94
N SER C 203 30.28 4.23 -14.24
CA SER C 203 31.50 3.53 -13.78
C SER C 203 32.73 4.41 -13.82
N TYR D 19 -34.63 11.46 35.49
CA TYR D 19 -34.49 10.13 36.13
C TYR D 19 -33.02 9.76 36.07
N PHE D 20 -32.63 8.58 36.57
CA PHE D 20 -31.20 8.26 36.53
C PHE D 20 -30.67 8.01 35.12
N GLN D 21 -29.76 8.88 34.70
CA GLN D 21 -29.10 8.78 33.40
C GLN D 21 -27.61 8.81 33.65
N SER D 22 -26.92 7.81 33.16
CA SER D 22 -25.47 7.70 33.35
C SER D 22 -24.75 7.69 32.01
N ASN D 23 -23.43 7.76 32.09
CA ASN D 23 -22.57 7.78 30.93
C ASN D 23 -22.74 6.47 30.18
N ALA D 24 -22.80 6.52 28.85
CA ALA D 24 -22.97 5.31 28.07
C ALA D 24 -21.79 4.34 28.22
N MET D 25 -22.11 3.08 28.51
CA MET D 25 -21.11 2.02 28.65
C MET D 25 -21.42 0.94 27.62
N MET D 26 -20.39 0.34 27.03
CA MET D 26 -20.56 -0.72 26.04
C MET D 26 -21.38 -1.89 26.55
N ASN D 27 -21.21 -2.24 27.83
CA ASN D 27 -21.95 -3.37 28.38
C ASN D 27 -23.49 -3.25 28.23
N GLN D 28 -23.97 -2.01 28.16
CA GLN D 28 -25.40 -1.71 28.00
C GLN D 28 -25.92 -2.18 26.61
N ASP D 29 -25.01 -2.31 25.64
CA ASP D 29 -25.35 -2.77 24.30
C ASP D 29 -25.22 -4.27 24.13
N ILE D 30 -24.78 -4.97 25.17
CA ILE D 30 -24.54 -6.41 25.11
C ILE D 30 -25.67 -7.24 25.71
N GLU D 31 -26.26 -8.09 24.88
CA GLU D 31 -27.37 -8.97 25.27
C GLU D 31 -26.86 -9.96 26.31
N LYS D 32 -25.73 -10.59 25.98
CA LYS D 32 -25.08 -11.55 26.84
C LYS D 32 -23.64 -11.81 26.40
N VAL D 33 -22.87 -12.37 27.34
CA VAL D 33 -21.47 -12.75 27.13
C VAL D 33 -21.48 -14.16 26.60
N LEU D 34 -21.01 -14.36 25.36
CA LEU D 34 -20.98 -15.69 24.74
C LEU D 34 -19.74 -16.46 25.17
N ILE D 35 -18.60 -15.77 25.21
CA ILE D 35 -17.34 -16.38 25.63
C ILE D 35 -16.66 -15.37 26.53
N SER D 36 -16.47 -15.74 27.78
CA SER D 36 -15.88 -14.83 28.74
C SER D 36 -14.38 -14.68 28.58
N GLU D 37 -13.85 -13.64 29.22
CA GLU D 37 -12.43 -13.40 29.24
C GLU D 37 -11.71 -14.59 29.88
N GLU D 38 -12.31 -15.14 30.92
N GLU D 38 -12.29 -15.15 30.92
CA GLU D 38 -11.74 -16.29 31.62
CA GLU D 38 -11.69 -16.32 31.58
C GLU D 38 -11.63 -17.49 30.64
C GLU D 38 -11.60 -17.49 30.60
N GLN D 39 -12.70 -17.73 29.86
CA GLN D 39 -12.72 -18.83 28.90
C GLN D 39 -11.69 -18.60 27.82
N ILE D 40 -11.62 -17.36 27.35
CA ILE D 40 -10.69 -16.99 26.30
C ILE D 40 -9.25 -17.25 26.76
N GLN D 41 -8.89 -16.79 27.97
CA GLN D 41 -7.52 -16.99 28.43
C GLN D 41 -7.17 -18.46 28.65
N GLU D 42 -8.12 -19.23 29.16
CA GLU D 42 -7.90 -20.66 29.37
C GLU D 42 -7.61 -21.34 28.02
N LYS D 43 -8.35 -20.94 26.98
CA LYS D 43 -8.21 -21.53 25.65
C LYS D 43 -6.91 -21.10 24.98
N VAL D 44 -6.59 -19.82 25.06
CA VAL D 44 -5.36 -19.30 24.50
C VAL D 44 -4.16 -20.04 25.10
N LEU D 45 -4.21 -20.30 26.40
CA LEU D 45 -3.13 -20.99 27.09
C LEU D 45 -2.96 -22.41 26.49
N GLU D 46 -4.09 -23.05 26.19
CA GLU D 46 -4.11 -24.38 25.59
C GLU D 46 -3.60 -24.40 24.14
N LEU D 47 -4.13 -23.49 23.33
CA LEU D 47 -3.74 -23.41 21.93
C LEU D 47 -2.27 -23.01 21.76
N GLY D 48 -1.81 -22.09 22.60
CA GLY D 48 -0.44 -21.65 22.58
C GLY D 48 0.53 -22.77 22.88
N ALA D 49 0.18 -23.65 23.83
CA ALA D 49 1.02 -24.80 24.20
C ALA D 49 1.06 -25.82 23.07
N ILE D 50 -0.07 -26.04 22.40
CA ILE D 50 -0.14 -26.97 21.27
C ILE D 50 0.71 -26.44 20.12
N ILE D 51 0.54 -25.18 19.80
CA ILE D 51 1.30 -24.56 18.72
C ILE D 51 2.81 -24.53 18.97
N ALA D 52 3.22 -24.20 20.19
CA ALA D 52 4.63 -24.17 20.53
C ALA D 52 5.22 -25.55 20.27
N GLU D 53 4.48 -26.60 20.64
CA GLU D 53 4.92 -27.98 20.40
C GLU D 53 4.99 -28.29 18.89
N ASP D 54 3.97 -27.90 18.14
CA ASP D 54 3.91 -28.17 16.70
C ASP D 54 4.99 -27.44 15.90
N TYR D 55 5.44 -26.30 16.40
CA TYR D 55 6.45 -25.51 15.71
C TYR D 55 7.79 -25.45 16.47
N LYS D 56 8.02 -26.48 17.32
CA LYS D 56 9.25 -26.61 18.12
C LYS D 56 10.59 -26.30 17.48
N ASN D 57 10.80 -26.87 16.30
CA ASN D 57 12.09 -26.78 15.61
C ASN D 57 12.30 -25.65 14.61
N THR D 58 11.20 -25.10 14.09
CA THR D 58 11.28 -24.06 13.09
C THR D 58 10.74 -22.74 13.61
N VAL D 59 11.06 -21.67 12.90
CA VAL D 59 10.57 -20.35 13.23
C VAL D 59 9.52 -20.03 12.17
N PRO D 60 8.25 -20.18 12.52
CA PRO D 60 7.20 -19.92 11.60
C PRO D 60 6.93 -18.44 11.48
N LEU D 61 6.27 -18.07 10.39
CA LEU D 61 5.83 -16.72 10.17
C LEU D 61 4.35 -16.72 10.55
N ALA D 62 4.02 -16.14 11.71
CA ALA D 62 2.65 -16.00 12.21
C ALA D 62 2.12 -14.70 11.64
N ILE D 63 1.07 -14.82 10.82
N ILE D 63 1.07 -14.79 10.82
CA ILE D 63 0.44 -13.69 10.13
CA ILE D 63 0.51 -13.58 10.22
C ILE D 63 -0.99 -13.41 10.60
C ILE D 63 -0.96 -13.39 10.60
N GLY D 64 -1.32 -12.12 10.75
CA GLY D 64 -2.66 -11.70 11.13
C GLY D 64 -3.22 -10.76 10.08
N VAL D 65 -4.48 -10.93 9.72
CA VAL D 65 -5.13 -10.01 8.76
C VAL D 65 -5.84 -8.94 9.60
N LEU D 66 -5.44 -7.70 9.42
CA LEU D 66 -6.02 -6.58 10.16
C LEU D 66 -7.51 -6.45 9.82
N LYS D 67 -8.35 -5.96 10.73
CA LYS D 67 -8.01 -5.52 12.08
C LYS D 67 -8.41 -6.53 13.17
N GLY D 68 -9.39 -7.37 12.85
CA GLY D 68 -9.97 -8.33 13.78
C GLY D 68 -9.09 -9.29 14.52
N ALA D 69 -8.03 -9.72 13.86
CA ALA D 69 -7.15 -10.70 14.44
C ALA D 69 -6.23 -10.23 15.57
N MET D 70 -6.10 -8.93 15.75
N MET D 70 -6.02 -8.93 15.73
CA MET D 70 -5.16 -8.35 16.70
CA MET D 70 -5.06 -8.46 16.74
C MET D 70 -5.20 -8.75 18.17
C MET D 70 -5.22 -8.93 18.18
N PRO D 71 -6.35 -8.63 18.83
CA PRO D 71 -6.40 -9.04 20.22
C PRO D 71 -6.05 -10.50 20.40
N PHE D 72 -6.63 -11.36 19.59
CA PHE D 72 -6.35 -12.78 19.68
C PHE D 72 -4.87 -13.11 19.35
N MET D 73 -4.36 -12.56 18.26
CA MET D 73 -3.00 -12.86 17.88
C MET D 73 -2.03 -12.47 18.99
N ALA D 74 -2.28 -11.32 19.61
CA ALA D 74 -1.47 -10.81 20.71
C ALA D 74 -1.42 -11.77 21.89
N ASP D 75 -2.60 -12.18 22.36
CA ASP D 75 -2.68 -13.11 23.48
C ASP D 75 -2.14 -14.49 23.18
N LEU D 76 -2.48 -14.99 22.01
CA LEU D 76 -2.08 -16.33 21.60
C LEU D 76 -0.55 -16.42 21.48
N LEU D 77 0.05 -15.50 20.74
CA LEU D 77 1.51 -15.57 20.54
C LEU D 77 2.29 -15.41 21.86
N LYS D 78 1.78 -14.68 22.85
CA LYS D 78 2.56 -14.59 24.09
C LYS D 78 2.44 -15.84 24.96
N ARG D 79 1.51 -16.73 24.61
CA ARG D 79 1.32 -17.98 25.31
C ARG D 79 1.93 -19.09 24.43
N THR D 80 2.68 -18.67 23.40
CA THR D 80 3.36 -19.60 22.50
C THR D 80 4.86 -19.42 22.70
N ASP D 81 5.41 -20.31 23.51
CA ASP D 81 6.81 -20.28 23.90
C ASP D 81 7.74 -20.94 22.87
N THR D 82 7.90 -20.27 21.74
CA THR D 82 8.78 -20.76 20.70
C THR D 82 9.21 -19.58 19.85
N TYR D 83 10.34 -19.72 19.17
CA TYR D 83 10.84 -18.69 18.28
C TYR D 83 9.90 -18.54 17.10
N LEU D 84 9.48 -17.31 16.80
CA LEU D 84 8.58 -17.07 15.68
C LEU D 84 8.68 -15.63 15.23
N GLU D 85 8.20 -15.38 14.03
CA GLU D 85 8.21 -14.04 13.46
C GLU D 85 6.75 -13.66 13.29
N MET D 86 6.39 -12.40 13.51
CA MET D 86 5.02 -11.96 13.35
C MET D 86 4.96 -11.05 12.14
N ASP D 87 3.84 -11.04 11.44
CA ASP D 87 3.71 -10.13 10.30
C ASP D 87 2.21 -9.89 10.12
N PHE D 88 1.84 -8.93 9.26
CA PHE D 88 0.47 -8.62 9.05
C PHE D 88 0.14 -8.25 7.64
N MET D 89 -1.12 -8.49 7.29
CA MET D 89 -1.61 -8.08 6.00
C MET D 89 -2.85 -7.24 6.16
N ALA D 90 -3.12 -6.41 5.16
CA ALA D 90 -4.32 -5.59 5.13
C ALA D 90 -4.88 -5.81 3.74
N VAL D 91 -6.17 -6.08 3.67
CA VAL D 91 -6.85 -6.33 2.38
C VAL D 91 -8.18 -5.58 2.34
N SER D 92 -8.74 -5.43 1.14
CA SER D 92 -10.03 -4.79 0.99
C SER D 92 -10.80 -5.53 -0.09
N SER D 93 -12.11 -5.43 -0.03
CA SER D 93 -12.97 -6.10 -0.99
C SER D 93 -12.98 -5.46 -2.35
N TYR D 94 -13.13 -6.28 -3.38
CA TYR D 94 -13.25 -5.79 -4.74
C TYR D 94 -14.73 -5.56 -5.09
N GLY D 95 -15.63 -5.85 -4.15
CA GLY D 95 -17.08 -5.67 -4.39
C GLY D 95 -17.75 -7.03 -4.46
N HIS D 96 -18.60 -7.25 -5.47
CA HIS D 96 -19.29 -8.53 -5.55
C HIS D 96 -18.35 -9.68 -5.97
N SER D 97 -17.25 -9.36 -6.66
CA SER D 97 -16.26 -10.38 -7.07
C SER D 97 -15.47 -10.98 -5.86
N THR D 98 -15.55 -10.33 -4.69
CA THR D 98 -14.94 -10.85 -3.45
C THR D 98 -15.94 -11.87 -2.82
N VAL D 99 -17.07 -12.09 -3.51
CA VAL D 99 -18.12 -13.02 -3.09
C VAL D 99 -18.30 -14.15 -4.14
N SER D 100 -17.19 -14.77 -4.51
CA SER D 100 -17.15 -15.90 -5.47
C SER D 100 -15.93 -16.76 -5.13
N THR D 101 -14.74 -16.20 -5.32
CA THR D 101 -13.48 -16.90 -5.00
C THR D 101 -12.84 -16.37 -3.73
N GLY D 102 -13.32 -15.24 -3.22
CA GLY D 102 -12.75 -14.60 -2.04
C GLY D 102 -11.59 -13.66 -2.43
N GLU D 103 -11.36 -13.47 -3.73
CA GLU D 103 -10.27 -12.61 -4.16
C GLU D 103 -10.41 -11.21 -3.54
N VAL D 104 -9.34 -10.73 -2.91
CA VAL D 104 -9.30 -9.42 -2.30
C VAL D 104 -8.11 -8.60 -2.81
N LYS D 105 -8.22 -7.28 -2.64
CA LYS D 105 -7.18 -6.34 -3.01
C LYS D 105 -6.18 -6.25 -1.86
N ILE D 106 -4.90 -6.48 -2.15
CA ILE D 106 -3.89 -6.42 -1.09
C ILE D 106 -3.48 -4.97 -0.87
N LEU D 107 -3.70 -4.48 0.35
CA LEU D 107 -3.35 -3.10 0.73
C LEU D 107 -2.00 -3.09 1.41
N LYS D 108 -1.72 -4.10 2.21
CA LYS D 108 -0.40 -4.23 2.82
C LYS D 108 -0.05 -5.71 2.72
N ASP D 109 1.04 -5.98 2.00
CA ASP D 109 1.54 -7.33 1.80
C ASP D 109 2.52 -7.60 2.95
N LEU D 110 2.95 -8.86 3.06
CA LEU D 110 3.91 -9.26 4.06
C LEU D 110 5.26 -8.52 3.90
N ASP D 111 5.91 -8.25 5.03
CA ASP D 111 7.22 -7.57 5.04
C ASP D 111 8.35 -8.50 4.65
N THR D 112 8.10 -9.81 4.64
CA THR D 112 9.12 -10.78 4.24
C THR D 112 8.52 -11.80 3.24
N SER D 113 9.39 -12.50 2.51
CA SER D 113 8.92 -13.45 1.52
C SER D 113 8.32 -14.69 2.16
N VAL D 114 7.39 -15.29 1.44
CA VAL D 114 6.70 -16.49 1.89
C VAL D 114 7.45 -17.79 1.57
N GLU D 115 8.16 -17.79 0.45
CA GLU D 115 8.88 -18.97 -0.03
C GLU D 115 9.70 -19.69 1.03
N GLY D 116 9.41 -20.98 1.19
CA GLY D 116 10.09 -21.83 2.13
C GLY D 116 9.69 -21.63 3.57
N ARG D 117 8.76 -20.72 3.84
CA ARG D 117 8.35 -20.50 5.22
C ARG D 117 7.12 -21.31 5.67
N ASP D 118 7.09 -21.65 6.94
CA ASP D 118 5.94 -22.28 7.55
C ASP D 118 5.08 -21.07 7.95
N ILE D 119 3.89 -20.95 7.35
CA ILE D 119 2.97 -19.83 7.62
C ILE D 119 1.85 -20.26 8.57
N LEU D 120 1.62 -19.45 9.59
CA LEU D 120 0.54 -19.70 10.55
C LEU D 120 -0.35 -18.46 10.52
N ILE D 121 -1.55 -18.60 9.97
CA ILE D 121 -2.53 -17.49 9.86
C ILE D 121 -3.35 -17.54 11.13
N VAL D 122 -3.39 -16.41 11.86
CA VAL D 122 -4.11 -16.29 13.12
C VAL D 122 -5.29 -15.38 12.80
N GLU D 123 -6.49 -15.87 13.09
CA GLU D 123 -7.72 -15.19 12.78
C GLU D 123 -8.69 -15.17 13.95
N ASP D 124 -9.58 -14.19 13.97
CA ASP D 124 -10.57 -14.12 15.05
C ASP D 124 -11.74 -15.08 14.78
N ILE D 125 -12.25 -15.07 13.55
CA ILE D 125 -13.34 -15.95 13.18
C ILE D 125 -13.31 -16.33 11.70
N ILE D 126 -13.76 -17.55 11.41
CA ILE D 126 -13.88 -18.05 10.02
C ILE D 126 -15.36 -18.26 9.91
N ASP D 127 -15.96 -17.67 8.88
CA ASP D 127 -17.38 -17.75 8.65
C ASP D 127 -17.60 -18.33 7.26
N SER D 128 -17.57 -17.50 6.22
CA SER D 128 -17.72 -18.00 4.86
C SER D 128 -16.49 -18.78 4.40
N GLY D 129 -15.34 -18.42 4.97
CA GLY D 129 -14.06 -19.05 4.61
C GLY D 129 -13.47 -18.53 3.29
N LEU D 130 -14.18 -17.63 2.61
CA LEU D 130 -13.71 -17.13 1.31
C LEU D 130 -12.37 -16.42 1.29
N THR D 131 -12.25 -15.36 2.10
N THR D 131 -12.25 -15.36 2.08
CA THR D 131 -11.02 -14.57 2.16
CA THR D 131 -11.01 -14.59 2.11
C THR D 131 -9.82 -15.40 2.60
C THR D 131 -9.81 -15.39 2.61
N LEU D 132 -9.98 -16.18 3.67
CA LEU D 132 -8.87 -17.02 4.14
C LEU D 132 -8.49 -18.08 3.11
N SER D 133 -9.47 -18.65 2.42
CA SER D 133 -9.18 -19.66 1.40
C SER D 133 -8.30 -19.05 0.28
N TYR D 134 -8.60 -17.80 -0.08
CA TYR D 134 -7.84 -17.09 -1.13
C TYR D 134 -6.41 -16.82 -0.67
N LEU D 135 -6.25 -16.43 0.58
CA LEU D 135 -4.93 -16.11 1.14
C LEU D 135 -4.11 -17.39 1.35
N VAL D 136 -4.74 -18.46 1.83
CA VAL D 136 -4.01 -19.72 2.00
C VAL D 136 -3.40 -20.18 0.70
N ASP D 137 -4.19 -20.18 -0.36
CA ASP D 137 -3.71 -20.64 -1.66
C ASP D 137 -2.79 -19.63 -2.32
N LEU D 138 -2.87 -18.37 -1.93
CA LEU D 138 -1.94 -17.38 -2.42
C LEU D 138 -0.57 -17.73 -1.79
N PHE D 139 -0.57 -18.03 -0.51
CA PHE D 139 0.69 -18.38 0.13
C PHE D 139 1.29 -19.68 -0.47
N LYS D 140 0.44 -20.68 -0.78
CA LYS D 140 0.93 -21.90 -1.40
C LYS D 140 1.47 -21.54 -2.81
N TYR D 141 0.82 -20.60 -3.48
CA TYR D 141 1.32 -20.18 -4.78
C TYR D 141 2.73 -19.54 -4.62
N ARG D 142 2.93 -18.83 -3.50
CA ARG D 142 4.21 -18.17 -3.19
C ARG D 142 5.24 -19.16 -2.60
N LYS D 143 4.89 -20.44 -2.63
CA LYS D 143 5.76 -21.54 -2.23
C LYS D 143 6.08 -21.67 -0.75
N ALA D 144 5.05 -21.46 0.07
CA ALA D 144 5.20 -21.60 1.51
C ALA D 144 5.56 -23.06 1.73
N LYS D 145 6.29 -23.35 2.79
CA LYS D 145 6.64 -24.73 3.09
C LYS D 145 5.37 -25.40 3.66
N SER D 146 4.53 -24.62 4.32
CA SER D 146 3.27 -25.09 4.85
C SER D 146 2.43 -23.87 5.24
N VAL D 147 1.12 -24.07 5.28
CA VAL D 147 0.17 -23.03 5.65
C VAL D 147 -0.86 -23.69 6.54
N LYS D 148 -1.02 -23.14 7.73
CA LYS D 148 -2.01 -23.62 8.67
C LYS D 148 -2.75 -22.42 9.22
N ILE D 149 -3.92 -22.67 9.82
CA ILE D 149 -4.77 -21.65 10.39
C ILE D 149 -5.19 -21.94 11.82
N VAL D 150 -5.08 -20.93 12.68
CA VAL D 150 -5.58 -21.02 14.05
C VAL D 150 -6.62 -19.90 14.14
N THR D 151 -7.85 -20.24 14.53
CA THR D 151 -8.93 -19.25 14.66
C THR D 151 -9.52 -19.34 16.04
N LEU D 152 -9.84 -18.19 16.63
CA LEU D 152 -10.45 -18.17 17.96
C LEU D 152 -11.84 -18.75 17.86
N LEU D 153 -12.60 -18.27 16.88
CA LEU D 153 -13.98 -18.70 16.67
C LEU D 153 -14.19 -19.31 15.29
N ASP D 154 -15.13 -20.26 15.24
CA ASP D 154 -15.49 -20.91 14.00
C ASP D 154 -17.00 -21.05 13.88
N LYS D 155 -17.56 -20.54 12.78
CA LYS D 155 -19.00 -20.66 12.49
C LYS D 155 -19.05 -21.55 11.25
N PRO D 156 -18.97 -22.88 11.44
CA PRO D 156 -18.96 -23.82 10.31
C PRO D 156 -20.18 -23.80 9.39
N THR D 157 -21.35 -23.37 9.88
CA THR D 157 -22.54 -23.33 8.99
C THR D 157 -22.49 -22.15 8.03
N GLY D 158 -21.55 -21.23 8.23
CA GLY D 158 -21.45 -20.07 7.37
C GLY D 158 -20.67 -20.30 6.09
N ARG D 159 -19.95 -21.43 6.01
CA ARG D 159 -19.11 -21.70 4.83
C ARG D 159 -19.72 -21.60 3.45
N LYS D 160 -19.00 -20.91 2.56
CA LYS D 160 -19.39 -20.77 1.15
C LYS D 160 -18.35 -21.51 0.29
N VAL D 161 -17.23 -21.89 0.91
CA VAL D 161 -16.19 -22.68 0.28
C VAL D 161 -15.71 -23.62 1.39
N ASP D 162 -15.13 -24.76 1.00
CA ASP D 162 -14.64 -25.76 1.95
C ASP D 162 -13.34 -25.28 2.59
N LEU D 163 -13.33 -25.18 3.92
CA LEU D 163 -12.14 -24.74 4.65
C LEU D 163 -12.21 -25.12 6.12
N LYS D 164 -11.30 -25.98 6.55
CA LYS D 164 -11.24 -26.38 7.95
C LYS D 164 -9.97 -25.81 8.60
N ALA D 165 -10.14 -25.06 9.68
CA ALA D 165 -9.02 -24.47 10.41
C ALA D 165 -8.27 -25.61 11.08
N ASP D 166 -6.98 -25.43 11.28
CA ASP D 166 -6.15 -26.46 11.90
C ASP D 166 -6.22 -26.41 13.43
N TYR D 167 -6.51 -25.24 13.95
CA TYR D 167 -6.67 -25.07 15.40
C TYR D 167 -7.89 -24.17 15.54
N VAL D 168 -8.79 -24.53 16.45
CA VAL D 168 -10.03 -23.78 16.69
C VAL D 168 -10.29 -23.61 18.18
N GLY D 169 -10.49 -22.38 18.61
CA GLY D 169 -10.79 -22.09 20.01
C GLY D 169 -12.19 -22.52 20.37
N PHE D 170 -13.18 -21.94 19.68
CA PHE D 170 -14.58 -22.24 19.93
C PHE D 170 -15.43 -22.28 18.67
N THR D 171 -16.37 -23.22 18.67
CA THR D 171 -17.32 -23.35 17.58
C THR D 171 -18.53 -22.61 18.09
N VAL D 172 -18.97 -21.63 17.32
CA VAL D 172 -20.11 -20.82 17.73
C VAL D 172 -21.26 -20.92 16.73
N PRO D 173 -22.48 -20.76 17.22
CA PRO D 173 -23.65 -20.80 16.36
C PRO D 173 -23.83 -19.44 15.67
N HIS D 174 -24.99 -19.22 15.07
CA HIS D 174 -25.23 -17.99 14.35
C HIS D 174 -25.73 -16.88 15.27
N GLU D 175 -24.81 -16.27 16.00
CA GLU D 175 -25.09 -15.14 16.91
C GLU D 175 -24.34 -13.93 16.33
N PHE D 176 -24.89 -12.73 16.52
CA PHE D 176 -24.27 -11.49 16.05
C PHE D 176 -23.26 -11.19 17.16
N VAL D 177 -22.00 -11.49 16.92
CA VAL D 177 -20.98 -11.34 17.93
C VAL D 177 -20.10 -10.10 17.80
N VAL D 178 -19.69 -9.56 18.94
CA VAL D 178 -18.77 -8.41 18.94
C VAL D 178 -17.80 -8.66 20.09
N GLY D 179 -16.70 -7.91 20.10
CA GLY D 179 -15.69 -8.02 21.16
C GLY D 179 -14.46 -8.82 20.78
N TYR D 180 -13.38 -8.57 21.52
CA TYR D 180 -12.10 -9.24 21.33
C TYR D 180 -11.69 -9.28 19.84
N GLY D 181 -11.76 -8.12 19.21
CA GLY D 181 -11.41 -7.93 17.77
C GLY D 181 -12.61 -7.80 16.84
N LEU D 182 -13.74 -8.37 17.26
CA LEU D 182 -14.97 -8.33 16.46
C LEU D 182 -15.70 -7.00 16.67
N ASP D 183 -16.05 -6.36 15.56
CA ASP D 183 -16.69 -5.06 15.61
C ASP D 183 -18.11 -4.97 15.09
N TYR D 184 -18.72 -3.85 15.42
CA TYR D 184 -20.00 -3.46 14.87
C TYR D 184 -19.76 -1.98 14.62
N LYS D 185 -19.75 -1.60 13.35
CA LYS D 185 -19.48 -0.23 12.92
C LYS D 185 -18.13 0.27 13.49
N GLU D 186 -17.13 -0.63 13.48
CA GLU D 186 -15.75 -0.38 13.93
C GLU D 186 -15.57 -0.25 15.44
N GLN D 187 -16.66 -0.37 16.18
CA GLN D 187 -16.62 -0.28 17.63
C GLN D 187 -16.69 -1.64 18.25
N TYR D 188 -16.50 -1.68 19.58
CA TYR D 188 -16.53 -2.91 20.36
C TYR D 188 -15.31 -3.86 20.26
N ARG D 189 -14.36 -3.59 19.35
CA ARG D 189 -13.21 -4.50 19.21
C ARG D 189 -12.41 -4.64 20.52
N ASN D 190 -12.45 -3.60 21.34
CA ASN D 190 -11.72 -3.57 22.59
C ASN D 190 -12.32 -4.32 23.75
N LEU D 191 -13.51 -4.88 23.59
CA LEU D 191 -14.07 -5.67 24.71
C LEU D 191 -13.13 -6.86 24.98
N PRO D 192 -12.93 -7.21 26.25
CA PRO D 192 -12.06 -8.31 26.57
C PRO D 192 -12.78 -9.67 26.50
N TYR D 193 -14.04 -9.67 26.07
CA TYR D 193 -14.82 -10.92 25.93
C TYR D 193 -15.56 -10.86 24.61
N VAL D 194 -16.22 -11.96 24.26
CA VAL D 194 -17.04 -12.04 23.06
C VAL D 194 -18.48 -12.02 23.53
N GLY D 195 -19.24 -11.04 23.07
CA GLY D 195 -20.63 -10.91 23.47
C GLY D 195 -21.57 -10.90 22.28
N VAL D 196 -22.84 -11.08 22.59
CA VAL D 196 -23.90 -11.05 21.60
C VAL D 196 -24.48 -9.66 21.72
N LEU D 197 -24.59 -8.99 20.58
CA LEU D 197 -25.09 -7.63 20.53
C LEU D 197 -26.62 -7.63 20.65
N LYS D 198 -27.19 -6.68 21.40
CA LYS D 198 -28.65 -6.59 21.51
C LYS D 198 -29.21 -6.25 20.12
N PRO D 199 -30.29 -6.93 19.68
CA PRO D 199 -30.94 -6.70 18.38
C PRO D 199 -31.13 -5.23 18.13
N SER D 200 -31.56 -4.53 19.19
N SER D 200 -31.59 -4.52 19.17
CA SER D 200 -31.80 -3.10 19.21
CA SER D 200 -31.82 -3.09 19.11
C SER D 200 -30.70 -2.29 18.54
C SER D 200 -30.68 -2.28 18.51
N VAL D 201 -29.46 -2.60 18.91
CA VAL D 201 -28.28 -1.90 18.43
C VAL D 201 -28.04 -1.97 16.92
N TYR D 202 -28.27 -3.13 16.31
CA TYR D 202 -28.03 -3.26 14.87
C TYR D 202 -29.25 -3.35 13.98
N SER D 203 -30.43 -3.51 14.58
CA SER D 203 -31.68 -3.63 13.82
C SER D 203 -32.32 -2.27 13.67
O1 MES E . -9.56 12.40 -11.93
C2 MES E . -9.67 12.38 -10.51
C3 MES E . -9.86 13.81 -10.00
N4 MES E . -8.73 14.66 -10.41
C5 MES E . -8.53 14.57 -11.87
C6 MES E . -8.41 13.13 -12.33
C7 MES E . -9.03 16.05 -10.04
C8 MES E . -8.17 16.51 -8.87
S MES E . -9.00 17.68 -8.02
O1S MES E . -8.02 18.43 -7.24
O2S MES E . -9.98 17.06 -7.15
O3S MES E . -9.63 18.61 -9.02
NA NA F . 16.54 19.82 -14.29
O1 MES G . 9.82 0.56 16.74
C2 MES G . 9.42 1.43 15.68
C3 MES G . 9.74 2.88 16.03
N4 MES G . 9.28 3.28 17.39
C5 MES G . 9.41 2.21 18.40
C6 MES G . 9.04 0.83 17.90
C7 MES G . 10.07 4.45 17.82
C8 MES G . 9.26 5.71 17.55
S MES G . 10.25 7.05 17.46
O1S MES G . 11.05 7.10 18.71
O2S MES G . 9.34 8.20 17.31
O3S MES G . 11.13 6.95 16.30
NA NA H . -15.42 6.95 24.18
O1 MES I . 12.24 -2.59 -14.73
C2 MES I . 11.52 -3.31 -13.72
C3 MES I . 11.76 -4.82 -13.91
N4 MES I . 11.49 -5.27 -15.29
C5 MES I . 12.02 -4.35 -16.32
C6 MES I . 11.73 -2.89 -16.01
C7 MES I . 12.13 -6.58 -15.49
C8 MES I . 11.07 -7.63 -15.74
S MES I . 11.72 -9.14 -15.50
O1S MES I . 12.71 -9.36 -16.61
O2S MES I . 10.61 -10.09 -15.50
O3S MES I . 12.39 -9.23 -14.20
NA NA J . -11.82 -4.56 -26.73
O1 MES K . -13.69 -10.54 9.71
C2 MES K . -13.97 -10.73 8.32
C3 MES K . -12.79 -11.44 7.67
N4 MES K . -12.46 -12.70 8.36
C5 MES K . -12.37 -12.53 9.83
C6 MES K . -13.58 -11.79 10.37
C7 MES K . -13.35 -13.79 7.94
C8 MES K . -12.47 -14.82 7.22
S MES K . -13.33 -15.70 6.09
O1S MES K . -14.37 -16.47 6.84
O2S MES K . -12.38 -16.62 5.47
O3S MES K . -13.93 -14.85 5.06
NA NA L . 9.91 -22.27 16.69
#